data_7S6E
#
_entry.id   7S6E
#
_cell.length_a   49.760
_cell.length_b   117.120
_cell.length_c   123.460
_cell.angle_alpha   90.000
_cell.angle_beta   90.000
_cell.angle_gamma   90.000
#
_symmetry.space_group_name_H-M   'P 21 21 21'
#
loop_
_entity.id
_entity.type
_entity.pdbx_description
1 polymer 'Urea ABC transporter, periplasmic urea-binding protein'
2 non-polymer UREA
3 non-polymer 1,2-ETHANEDIOL
4 non-polymer 'CALCIUM ION'
5 non-polymer 'CHLORIDE ION'
6 water water
#
_entity_poly.entity_id   1
_entity_poly.type   'polypeptide(L)'
_entity_poly.pdbx_seq_one_letter_code
;ASSVEYDDSVTVGILHSLTGTMAISESTLVDTEKMAIDEINAAGGVEVDGKKYKIEYIVEDGASDWPTFAEKSKKLIDQD
KVPVVFGGWTSASRKAMLPVYESKEAFLYYPIQYEGQECSKNIFYTGATPNQQSEPATSYMFEKSPAAGKPFYLVGSDYV
FPRTSNTITKEQVKSLGGEVVGEDYLPLGNTEVAPIIAKIKAALPDGGVIINTLNGDQNVAFFKQIQDAGITPENGYYVM
SYSIAEEEISTIGPEFLEGHYGAWNYMMSIDTPASKKFAADFKAKYGDDRVVADPQESAYNMVYLWKKAVEKAGTFDDDK
VREALIGIKFDAPQGPIEVRPNHHISQIVRIGEITSDGQFKIVEESDYPIDPQTWNQFEPTSKGFACDWSDPSKGEKYKL
;
_entity_poly.pdbx_strand_id   A,B
#
# COMPACT_ATOMS: atom_id res chain seq x y z
N VAL A 4 32.81 1.86 8.09
CA VAL A 4 32.74 0.39 8.48
C VAL A 4 33.19 -0.48 7.27
N GLU A 5 34.23 -1.31 7.46
CA GLU A 5 34.88 -2.10 6.37
C GLU A 5 34.41 -3.56 6.48
N TYR A 6 34.36 -4.25 5.34
CA TYR A 6 34.03 -5.69 5.26
C TYR A 6 35.16 -6.39 4.52
N ASP A 7 35.31 -7.68 4.71
CA ASP A 7 36.35 -8.48 4.00
C ASP A 7 35.73 -9.06 2.72
N ASP A 8 34.40 -9.24 2.69
CA ASP A 8 33.69 -9.91 1.55
C ASP A 8 32.19 -9.67 1.77
N SER A 9 31.34 -10.30 0.97
CA SER A 9 29.88 -10.15 1.02
C SER A 9 29.20 -11.49 0.82
N VAL A 10 27.96 -11.57 1.30
CA VAL A 10 27.08 -12.74 1.11
C VAL A 10 25.74 -12.22 0.65
N THR A 11 25.10 -12.90 -0.31
CA THR A 11 23.82 -12.44 -0.89
C THR A 11 22.70 -13.34 -0.39
N VAL A 12 21.69 -12.76 0.26
CA VAL A 12 20.50 -13.52 0.69
C VAL A 12 19.31 -13.16 -0.21
N GLY A 13 18.29 -14.03 -0.22
CA GLY A 13 17.07 -13.84 -1.04
C GLY A 13 15.99 -13.27 -0.16
N ILE A 14 15.21 -12.34 -0.69
CA ILE A 14 13.98 -11.79 -0.04
C ILE A 14 12.86 -12.05 -1.04
N LEU A 15 11.76 -12.70 -0.64
CA LEU A 15 10.67 -13.03 -1.60
C LEU A 15 9.32 -12.79 -0.96
N HIS A 16 8.68 -11.71 -1.37
CA HIS A 16 7.43 -11.22 -0.79
C HIS A 16 6.58 -10.62 -1.90
N SER A 17 5.25 -10.57 -1.66
CA SER A 17 4.28 -9.90 -2.53
C SER A 17 4.44 -8.38 -2.39
N LEU A 18 4.94 -7.74 -3.44
CA LEU A 18 5.03 -6.27 -3.53
C LEU A 18 3.93 -5.73 -4.46
N THR A 19 3.19 -6.63 -5.09
CA THR A 19 2.05 -6.34 -5.98
C THR A 19 0.92 -7.35 -5.67
N GLY A 20 -0.31 -7.01 -6.05
CA GLY A 20 -1.55 -7.82 -5.87
C GLY A 20 -2.11 -7.72 -4.44
N THR A 21 -3.11 -8.53 -4.16
CA THR A 21 -3.93 -8.50 -2.92
C THR A 21 -3.09 -8.66 -1.63
N MET A 22 -1.89 -9.27 -1.67
CA MET A 22 -1.10 -9.52 -0.43
C MET A 22 -0.10 -8.36 -0.19
N ALA A 23 0.08 -7.44 -1.11
CA ALA A 23 1.08 -6.33 -0.97
C ALA A 23 0.72 -5.45 0.24
N ILE A 24 -0.56 -5.28 0.55
CA ILE A 24 -1.00 -4.51 1.78
C ILE A 24 -0.30 -5.07 3.04
N SER A 25 0.00 -6.37 3.06
CA SER A 25 0.57 -7.11 4.22
C SER A 25 2.08 -7.32 4.04
N GLU A 26 2.52 -7.78 2.89
CA GLU A 26 3.91 -8.28 2.72
C GLU A 26 4.92 -7.17 2.45
N SER A 27 4.50 -6.01 1.94
N SER A 27 4.50 -6.01 1.94
CA SER A 27 5.41 -4.91 1.56
CA SER A 27 5.43 -4.91 1.54
C SER A 27 6.31 -4.49 2.75
C SER A 27 6.30 -4.47 2.74
N THR A 28 5.70 -4.33 3.92
CA THR A 28 6.38 -3.88 5.15
C THR A 28 7.38 -4.93 5.65
N LEU A 29 7.22 -6.20 5.26
CA LEU A 29 8.18 -7.26 5.65
C LEU A 29 9.54 -6.98 5.00
N VAL A 30 9.54 -6.59 3.73
CA VAL A 30 10.78 -6.25 2.98
C VAL A 30 11.42 -5.05 3.67
N ASP A 31 10.64 -4.02 4.04
CA ASP A 31 11.15 -2.83 4.74
C ASP A 31 11.86 -3.29 6.03
N THR A 32 11.25 -4.24 6.74
CA THR A 32 11.73 -4.67 8.06
C THR A 32 12.95 -5.59 7.90
N GLU A 33 12.92 -6.48 6.91
CA GLU A 33 14.08 -7.38 6.62
C GLU A 33 15.31 -6.53 6.30
N LYS A 34 15.12 -5.46 5.50
CA LYS A 34 16.21 -4.56 5.10
C LYS A 34 16.71 -3.80 6.34
N MET A 35 15.83 -3.48 7.28
CA MET A 35 16.27 -2.81 8.52
C MET A 35 17.18 -3.72 9.35
N ALA A 36 16.82 -4.99 9.52
CA ALA A 36 17.66 -5.99 10.18
C ALA A 36 19.04 -6.09 9.48
N ILE A 37 19.03 -6.19 8.16
CA ILE A 37 20.27 -6.34 7.34
C ILE A 37 21.13 -5.10 7.60
N ASP A 38 20.55 -3.91 7.49
CA ASP A 38 21.33 -2.65 7.59
C ASP A 38 21.95 -2.58 8.99
N GLU A 39 21.19 -2.94 10.02
CA GLU A 39 21.69 -2.97 11.42
C GLU A 39 22.91 -3.90 11.53
N ILE A 40 22.77 -5.13 11.07
CA ILE A 40 23.86 -6.14 11.17
C ILE A 40 25.09 -5.60 10.43
N ASN A 41 24.92 -5.05 9.24
CA ASN A 41 26.01 -4.47 8.44
C ASN A 41 26.68 -3.31 9.18
N ALA A 42 25.91 -2.44 9.83
CA ALA A 42 26.46 -1.27 10.58
C ALA A 42 27.23 -1.75 11.80
N ALA A 43 26.89 -2.89 12.37
CA ALA A 43 27.68 -3.51 13.46
C ALA A 43 28.86 -4.35 12.91
N GLY A 44 29.11 -4.42 11.59
CA GLY A 44 30.33 -5.06 11.05
C GLY A 44 30.07 -6.30 10.21
N GLY A 45 28.80 -6.68 10.02
CA GLY A 45 28.41 -7.79 9.16
C GLY A 45 28.48 -9.13 9.88
N VAL A 46 28.60 -10.21 9.11
CA VAL A 46 28.52 -11.61 9.62
C VAL A 46 29.92 -12.20 9.66
N GLU A 47 30.36 -12.70 10.82
CA GLU A 47 31.72 -13.24 10.99
C GLU A 47 31.72 -14.76 10.68
N VAL A 48 32.50 -15.18 9.68
CA VAL A 48 32.74 -16.61 9.33
C VAL A 48 34.24 -16.80 9.10
N ASP A 49 34.86 -17.71 9.84
CA ASP A 49 36.27 -18.15 9.59
C ASP A 49 37.20 -16.92 9.50
N GLY A 50 37.07 -15.98 10.42
CA GLY A 50 37.98 -14.82 10.59
C GLY A 50 37.72 -13.68 9.62
N LYS A 51 36.69 -13.75 8.78
CA LYS A 51 36.33 -12.64 7.84
C LYS A 51 34.92 -12.09 8.17
N LYS A 52 34.69 -10.81 7.91
CA LYS A 52 33.39 -10.14 8.10
C LYS A 52 32.76 -10.00 6.71
N TYR A 53 31.57 -10.56 6.58
CA TYR A 53 30.80 -10.51 5.34
C TYR A 53 29.70 -9.47 5.49
N LYS A 54 29.63 -8.57 4.51
CA LYS A 54 28.46 -7.67 4.37
C LYS A 54 27.30 -8.50 3.82
N ILE A 55 26.12 -8.33 4.37
CA ILE A 55 24.88 -9.00 3.84
C ILE A 55 24.34 -8.13 2.71
N GLU A 56 24.33 -8.72 1.49
CA GLU A 56 23.63 -8.12 0.34
C GLU A 56 22.35 -8.93 0.14
N TYR A 57 21.43 -8.43 -0.68
CA TYR A 57 20.13 -9.10 -0.90
C TYR A 57 19.67 -8.93 -2.34
N ILE A 58 18.80 -9.85 -2.75
CA ILE A 58 18.05 -9.80 -4.02
C ILE A 58 16.57 -9.92 -3.63
N VAL A 59 15.79 -8.89 -3.89
CA VAL A 59 14.33 -8.86 -3.60
C VAL A 59 13.58 -9.36 -4.83
N GLU A 60 12.82 -10.44 -4.71
CA GLU A 60 11.92 -10.90 -5.80
C GLU A 60 10.46 -10.67 -5.38
N ASP A 61 9.61 -10.30 -6.34
CA ASP A 61 8.16 -10.02 -6.15
C ASP A 61 7.41 -11.32 -6.40
N GLY A 62 6.85 -11.92 -5.34
CA GLY A 62 5.95 -13.08 -5.40
C GLY A 62 4.61 -12.77 -6.01
N ALA A 63 4.21 -11.49 -6.06
CA ALA A 63 3.06 -10.97 -6.83
C ALA A 63 1.75 -11.61 -6.38
N SER A 64 1.64 -12.03 -5.12
CA SER A 64 0.43 -12.65 -4.56
C SER A 64 0.03 -13.85 -5.43
N ASP A 65 1.02 -14.56 -6.00
CA ASP A 65 0.79 -15.68 -6.94
C ASP A 65 1.68 -16.87 -6.56
N TRP A 66 1.06 -17.98 -6.18
CA TRP A 66 1.79 -19.12 -5.57
C TRP A 66 2.79 -19.73 -6.57
N PRO A 67 2.46 -19.95 -7.88
CA PRO A 67 3.46 -20.46 -8.82
C PRO A 67 4.63 -19.47 -8.99
N THR A 68 4.37 -18.17 -8.92
CA THR A 68 5.44 -17.13 -9.00
C THR A 68 6.36 -17.29 -7.77
N PHE A 69 5.84 -17.54 -6.58
CA PHE A 69 6.66 -17.81 -5.38
C PHE A 69 7.58 -19.03 -5.64
N ALA A 70 7.07 -20.08 -6.28
CA ALA A 70 7.87 -21.30 -6.55
C ALA A 70 8.97 -20.96 -7.56
N GLU A 71 8.59 -20.27 -8.64
CA GLU A 71 9.49 -19.88 -9.75
C GLU A 71 10.62 -18.98 -9.19
N LYS A 72 10.29 -17.98 -8.40
CA LYS A 72 11.31 -17.03 -7.87
C LYS A 72 12.20 -17.77 -6.87
N SER A 73 11.66 -18.74 -6.15
CA SER A 73 12.47 -19.55 -5.20
C SER A 73 13.54 -20.33 -6.01
N LYS A 74 13.14 -20.94 -7.13
CA LYS A 74 14.05 -21.70 -8.04
C LYS A 74 15.18 -20.78 -8.51
N LYS A 75 14.83 -19.58 -8.97
CA LYS A 75 15.82 -18.57 -9.41
C LYS A 75 16.82 -18.27 -8.27
N LEU A 76 16.31 -17.90 -7.10
CA LEU A 76 17.14 -17.52 -5.92
C LEU A 76 18.03 -18.71 -5.54
N ILE A 77 17.54 -19.96 -5.56
CA ILE A 77 18.38 -21.13 -5.15
C ILE A 77 19.41 -21.43 -6.26
N ASP A 78 18.96 -21.62 -7.51
CA ASP A 78 19.81 -22.22 -8.59
C ASP A 78 20.61 -21.13 -9.31
N GLN A 79 20.02 -19.98 -9.61
CA GLN A 79 20.73 -18.90 -10.33
C GLN A 79 21.56 -18.05 -9.35
N ASP A 80 20.95 -17.53 -8.28
CA ASP A 80 21.63 -16.57 -7.37
C ASP A 80 22.41 -17.31 -6.25
N LYS A 81 22.15 -18.60 -6.04
CA LYS A 81 22.87 -19.49 -5.08
C LYS A 81 22.84 -18.84 -3.69
N VAL A 82 21.70 -18.30 -3.27
CA VAL A 82 21.64 -17.67 -1.93
C VAL A 82 21.74 -18.80 -0.90
N PRO A 83 22.36 -18.58 0.27
CA PRO A 83 22.32 -19.61 1.32
C PRO A 83 20.99 -19.69 2.10
N VAL A 84 20.11 -18.69 1.91
CA VAL A 84 18.80 -18.60 2.62
C VAL A 84 17.89 -17.67 1.82
N VAL A 85 16.59 -17.98 1.84
CA VAL A 85 15.54 -17.03 1.42
C VAL A 85 14.62 -16.68 2.58
N PHE A 86 14.44 -15.38 2.78
CA PHE A 86 13.45 -14.80 3.72
C PHE A 86 12.21 -14.51 2.89
N GLY A 87 11.11 -15.24 3.11
CA GLY A 87 9.90 -15.03 2.28
C GLY A 87 8.65 -15.70 2.72
N GLY A 88 7.58 -15.40 1.97
CA GLY A 88 6.24 -16.02 2.09
C GLY A 88 5.33 -15.24 3.02
N TRP A 89 4.02 -15.40 2.83
CA TRP A 89 2.98 -14.99 3.82
C TRP A 89 1.88 -16.06 3.83
N THR A 90 1.19 -16.20 2.70
CA THR A 90 0.01 -17.11 2.66
C THR A 90 0.57 -18.52 2.82
N SER A 91 -0.16 -19.40 3.50
CA SER A 91 0.19 -20.82 3.57
C SER A 91 0.14 -21.41 2.15
N ALA A 92 -0.69 -20.87 1.27
CA ALA A 92 -0.67 -21.24 -0.16
C ALA A 92 0.73 -20.97 -0.76
N SER A 93 1.31 -19.79 -0.52
CA SER A 93 2.65 -19.45 -1.06
C SER A 93 3.70 -20.38 -0.45
N ARG A 94 3.60 -20.70 0.83
CA ARG A 94 4.60 -21.59 1.48
C ARG A 94 4.49 -23.02 0.93
N LYS A 95 3.28 -23.53 0.78
CA LYS A 95 3.04 -24.90 0.23
C LYS A 95 3.56 -25.03 -1.20
N ALA A 96 3.43 -23.98 -2.03
CA ALA A 96 4.00 -23.94 -3.39
C ALA A 96 5.52 -23.96 -3.33
N MET A 97 6.10 -23.26 -2.35
CA MET A 97 7.57 -23.18 -2.18
C MET A 97 8.13 -24.48 -1.59
N LEU A 98 7.41 -25.15 -0.68
CA LEU A 98 7.98 -26.24 0.15
C LEU A 98 8.67 -27.30 -0.72
N PRO A 99 8.05 -27.85 -1.79
CA PRO A 99 8.74 -28.87 -2.60
C PRO A 99 10.02 -28.36 -3.27
N VAL A 100 10.13 -27.06 -3.58
CA VAL A 100 11.34 -26.47 -4.18
C VAL A 100 12.48 -26.55 -3.16
N TYR A 101 12.25 -26.03 -1.95
CA TYR A 101 13.30 -25.94 -0.91
C TYR A 101 13.65 -27.36 -0.43
N GLU A 102 12.69 -28.30 -0.43
CA GLU A 102 12.96 -29.72 -0.03
C GLU A 102 13.73 -30.46 -1.15
N SER A 103 13.23 -30.41 -2.39
CA SER A 103 13.85 -31.13 -3.54
C SER A 103 15.28 -30.62 -3.76
N LYS A 104 15.55 -29.33 -3.54
CA LYS A 104 16.88 -28.74 -3.80
C LYS A 104 17.67 -28.66 -2.50
N GLU A 105 17.11 -29.21 -1.41
CA GLU A 105 17.74 -29.21 -0.05
C GLU A 105 18.33 -27.82 0.22
N ALA A 106 17.48 -26.80 0.09
CA ALA A 106 17.82 -25.38 0.39
C ALA A 106 17.09 -24.96 1.68
N PHE A 107 16.89 -23.64 1.88
CA PHE A 107 16.47 -23.10 3.20
C PHE A 107 15.56 -21.87 3.01
N LEU A 108 14.28 -22.02 3.34
CA LEU A 108 13.31 -20.91 3.48
C LEU A 108 13.14 -20.53 4.97
N TYR A 109 13.18 -19.26 5.30
CA TYR A 109 12.79 -18.70 6.61
C TYR A 109 11.47 -17.96 6.36
N TYR A 110 10.43 -18.44 7.01
CA TYR A 110 9.00 -18.08 6.84
C TYR A 110 8.49 -17.42 8.11
N PRO A 111 8.07 -16.13 8.04
CA PRO A 111 7.73 -15.40 9.26
C PRO A 111 6.27 -15.33 9.75
N ILE A 112 5.31 -15.93 9.03
CA ILE A 112 3.89 -15.56 9.27
C ILE A 112 3.17 -16.61 10.12
N GLN A 113 2.32 -16.12 11.01
CA GLN A 113 1.37 -16.93 11.78
C GLN A 113 0.68 -17.86 10.82
N TYR A 114 0.42 -19.11 11.24
CA TYR A 114 -0.18 -20.10 10.32
C TYR A 114 -0.78 -21.26 11.12
N GLU A 115 -1.26 -22.25 10.36
CA GLU A 115 -2.09 -23.40 10.83
C GLU A 115 -1.24 -24.51 11.46
N GLY A 116 0.09 -24.45 11.37
CA GLY A 116 0.97 -25.60 11.67
C GLY A 116 0.68 -26.76 10.76
N GLN A 117 0.59 -27.97 11.32
CA GLN A 117 0.41 -29.22 10.53
C GLN A 117 1.54 -29.35 9.51
N GLU A 118 2.74 -28.92 9.88
CA GLU A 118 3.86 -28.89 8.91
C GLU A 118 5.15 -28.82 9.69
N CYS A 119 6.18 -29.53 9.22
CA CYS A 119 7.49 -29.42 9.84
C CYS A 119 8.60 -29.75 8.83
N SER A 120 8.77 -28.88 7.81
CA SER A 120 9.81 -29.11 6.80
C SER A 120 11.21 -29.01 7.38
N LYS A 121 12.03 -29.99 7.03
CA LYS A 121 13.47 -29.97 7.32
C LYS A 121 14.09 -28.71 6.73
N ASN A 122 13.54 -28.18 5.64
CA ASN A 122 14.15 -27.09 4.84
C ASN A 122 13.47 -25.74 5.13
N ILE A 123 12.54 -25.66 6.09
CA ILE A 123 11.85 -24.39 6.50
C ILE A 123 12.05 -24.14 7.99
N PHE A 124 12.42 -22.92 8.35
CA PHE A 124 12.28 -22.42 9.73
C PHE A 124 11.17 -21.37 9.78
N TYR A 125 10.58 -21.22 10.96
CA TYR A 125 9.27 -20.54 11.15
C TYR A 125 9.44 -19.60 12.33
N THR A 126 9.10 -18.30 12.15
CA THR A 126 9.05 -17.33 13.27
C THR A 126 7.61 -16.88 13.53
N GLY A 127 6.65 -17.37 12.76
CA GLY A 127 5.23 -17.08 13.03
C GLY A 127 4.62 -18.01 14.07
N ALA A 128 3.59 -17.53 14.76
CA ALA A 128 2.78 -18.31 15.73
C ALA A 128 2.22 -19.58 15.06
N THR A 129 2.32 -20.70 15.77
CA THR A 129 1.48 -21.88 15.57
C THR A 129 0.16 -21.62 16.27
N PRO A 130 -0.90 -22.41 15.99
CA PRO A 130 -2.18 -22.19 16.64
C PRO A 130 -2.12 -22.11 18.18
N ASN A 131 -1.33 -22.94 18.85
CA ASN A 131 -1.28 -22.87 20.34
C ASN A 131 -0.60 -21.57 20.78
N GLN A 132 0.00 -20.81 19.85
CA GLN A 132 0.60 -19.49 20.15
C GLN A 132 -0.28 -18.35 19.63
N GLN A 133 -1.49 -18.62 19.11
CA GLN A 133 -2.37 -17.56 18.58
C GLN A 133 -3.84 -17.98 18.72
N SER A 134 -4.40 -18.79 17.81
CA SER A 134 -5.87 -19.00 17.73
C SER A 134 -6.37 -19.73 19.01
N GLU A 135 -5.58 -20.64 19.57
CA GLU A 135 -6.01 -21.44 20.73
C GLU A 135 -6.22 -20.52 21.94
N PRO A 136 -5.20 -19.77 22.39
CA PRO A 136 -5.43 -18.83 23.47
C PRO A 136 -6.46 -17.73 23.11
N ALA A 137 -6.56 -17.31 21.83
CA ALA A 137 -7.53 -16.31 21.40
C ALA A 137 -8.94 -16.87 21.61
N THR A 138 -9.16 -18.10 21.16
CA THR A 138 -10.48 -18.78 21.28
C THR A 138 -10.88 -18.77 22.76
N SER A 139 -9.98 -19.20 23.67
CA SER A 139 -10.26 -19.21 25.12
C SER A 139 -10.66 -17.83 25.61
N TYR A 140 -9.88 -16.83 25.24
CA TYR A 140 -10.14 -15.44 25.65
C TYR A 140 -11.52 -15.01 25.16
N MET A 141 -11.82 -15.22 23.88
CA MET A 141 -13.09 -14.72 23.34
C MET A 141 -14.25 -15.42 24.06
N PHE A 142 -14.10 -16.72 24.31
CA PHE A 142 -15.12 -17.57 24.94
C PHE A 142 -15.34 -17.21 26.42
N GLU A 143 -14.28 -16.85 27.14
CA GLU A 143 -14.28 -16.81 28.62
C GLU A 143 -14.23 -15.38 29.15
N LYS A 144 -13.56 -14.45 28.47
CA LYS A 144 -13.26 -13.14 29.08
C LYS A 144 -13.71 -11.98 28.20
N SER A 145 -13.95 -12.15 26.90
CA SER A 145 -14.34 -11.01 26.03
C SER A 145 -15.75 -10.55 26.43
N PRO A 146 -16.22 -9.38 25.97
CA PRO A 146 -17.62 -8.99 26.17
C PRO A 146 -18.64 -9.94 25.51
N ALA A 147 -18.18 -10.85 24.66
CA ALA A 147 -19.06 -11.85 24.01
C ALA A 147 -18.77 -13.22 24.57
N ALA A 148 -18.26 -13.29 25.81
CA ALA A 148 -18.05 -14.56 26.53
C ALA A 148 -19.36 -15.37 26.46
N GLY A 149 -19.25 -16.64 26.07
CA GLY A 149 -20.37 -17.61 26.06
C GLY A 149 -21.23 -17.52 24.82
N LYS A 150 -21.06 -16.48 24.00
CA LYS A 150 -21.81 -16.32 22.74
C LYS A 150 -21.26 -17.26 21.67
N PRO A 151 -22.04 -17.59 20.62
CA PRO A 151 -21.57 -18.41 19.52
C PRO A 151 -20.47 -17.72 18.69
N PHE A 152 -19.72 -18.56 17.97
CA PHE A 152 -18.66 -18.18 17.00
C PHE A 152 -19.19 -18.28 15.58
N TYR A 153 -18.91 -17.28 14.76
CA TYR A 153 -19.07 -17.28 13.30
C TYR A 153 -17.67 -17.11 12.67
N LEU A 154 -17.30 -18.03 11.79
CA LEU A 154 -15.94 -18.10 11.20
C LEU A 154 -15.98 -17.60 9.74
N VAL A 155 -15.12 -16.66 9.37
CA VAL A 155 -15.04 -16.14 7.96
C VAL A 155 -13.56 -16.06 7.59
N GLY A 156 -13.19 -16.64 6.45
CA GLY A 156 -11.81 -16.56 6.00
C GLY A 156 -11.65 -16.59 4.50
N SER A 157 -10.39 -16.53 4.06
CA SER A 157 -9.99 -16.64 2.65
C SER A 157 -10.02 -18.12 2.26
N ASP A 158 -10.34 -18.41 1.00
CA ASP A 158 -10.52 -19.82 0.55
C ASP A 158 -9.18 -20.45 0.18
N TYR A 159 -8.43 -20.91 1.18
CA TYR A 159 -7.16 -21.65 1.02
C TYR A 159 -6.83 -22.33 2.35
N VAL A 160 -5.67 -23.00 2.42
CA VAL A 160 -5.34 -23.99 3.45
C VAL A 160 -5.18 -23.34 4.82
N PHE A 161 -4.72 -22.08 4.92
CA PHE A 161 -4.56 -21.50 6.28
C PHE A 161 -5.93 -21.34 6.93
N PRO A 162 -6.87 -20.57 6.36
CA PRO A 162 -8.15 -20.34 7.04
C PRO A 162 -8.99 -21.60 7.27
N ARG A 163 -8.98 -22.53 6.32
CA ARG A 163 -9.73 -23.81 6.40
C ARG A 163 -9.16 -24.67 7.54
N THR A 164 -7.83 -24.78 7.65
CA THR A 164 -7.17 -25.54 8.72
C THR A 164 -7.37 -24.83 10.07
N SER A 165 -7.14 -23.53 10.11
CA SER A 165 -7.35 -22.74 11.35
C SER A 165 -8.78 -22.99 11.87
N ASN A 166 -9.78 -22.86 11.03
CA ASN A 166 -11.21 -23.05 11.39
C ASN A 166 -11.53 -24.50 11.76
N THR A 167 -10.86 -25.50 11.16
CA THR A 167 -11.01 -26.93 11.60
C THR A 167 -10.54 -27.04 13.06
N ILE A 168 -9.44 -26.42 13.38
CA ILE A 168 -8.86 -26.46 14.75
C ILE A 168 -9.84 -25.74 15.68
N THR A 169 -10.23 -24.51 15.33
CA THR A 169 -11.17 -23.72 16.15
C THR A 169 -12.48 -24.53 16.39
N LYS A 170 -13.05 -25.21 15.40
CA LYS A 170 -14.32 -25.97 15.60
C LYS A 170 -14.12 -27.07 16.65
N GLU A 171 -12.99 -27.79 16.60
CA GLU A 171 -12.65 -28.84 17.59
C GLU A 171 -12.42 -28.22 18.94
N GLN A 172 -11.78 -27.04 18.99
CA GLN A 172 -11.46 -26.41 20.29
C GLN A 172 -12.77 -25.94 20.89
N VAL A 173 -13.63 -25.32 20.12
CA VAL A 173 -14.93 -24.78 20.65
C VAL A 173 -15.78 -25.97 21.18
N LYS A 174 -15.80 -27.11 20.50
CA LYS A 174 -16.47 -28.34 21.02
C LYS A 174 -15.91 -28.70 22.39
N SER A 175 -14.59 -28.74 22.54
CA SER A 175 -13.95 -29.06 23.86
C SER A 175 -14.28 -28.01 24.93
N LEU A 176 -14.47 -26.73 24.60
CA LEU A 176 -14.87 -25.71 25.59
C LEU A 176 -16.37 -25.79 25.94
N GLY A 177 -17.16 -26.51 25.15
CA GLY A 177 -18.63 -26.49 25.22
C GLY A 177 -19.25 -25.23 24.63
N GLY A 178 -18.62 -24.58 23.65
CA GLY A 178 -19.22 -23.44 22.92
C GLY A 178 -19.93 -23.91 21.66
N GLU A 179 -20.28 -22.97 20.78
CA GLU A 179 -21.09 -23.21 19.56
C GLU A 179 -20.46 -22.48 18.38
N VAL A 180 -20.44 -23.13 17.22
CA VAL A 180 -20.13 -22.51 15.91
C VAL A 180 -21.41 -22.44 15.11
N VAL A 181 -21.79 -21.24 14.66
CA VAL A 181 -23.09 -21.02 13.96
C VAL A 181 -22.84 -20.64 12.50
N GLY A 182 -21.60 -20.60 12.04
CA GLY A 182 -21.38 -20.24 10.62
C GLY A 182 -19.90 -20.36 10.25
N GLU A 183 -19.65 -20.68 8.99
CA GLU A 183 -18.28 -20.89 8.45
C GLU A 183 -18.34 -20.62 6.97
N ASP A 184 -17.76 -19.51 6.47
CA ASP A 184 -17.82 -19.15 5.04
C ASP A 184 -16.42 -18.72 4.57
N TYR A 185 -16.11 -19.01 3.31
CA TYR A 185 -14.82 -18.63 2.67
C TYR A 185 -15.10 -17.80 1.44
N LEU A 186 -14.30 -16.75 1.24
CA LEU A 186 -14.26 -15.95 -0.01
C LEU A 186 -12.94 -16.26 -0.71
N PRO A 187 -12.94 -16.28 -2.07
CA PRO A 187 -11.69 -16.32 -2.83
C PRO A 187 -10.78 -15.18 -2.36
N LEU A 188 -9.48 -15.43 -2.26
CA LEU A 188 -8.50 -14.38 -1.87
C LEU A 188 -8.72 -13.19 -2.79
N GLY A 189 -8.75 -11.98 -2.26
CA GLY A 189 -8.89 -10.74 -3.03
C GLY A 189 -10.33 -10.35 -3.34
N ASN A 190 -11.30 -11.23 -3.10
CA ASN A 190 -12.71 -11.04 -3.48
C ASN A 190 -13.37 -10.16 -2.41
N THR A 191 -14.11 -9.15 -2.83
CA THR A 191 -14.73 -8.10 -1.96
C THR A 191 -16.26 -8.26 -1.87
N GLU A 192 -16.83 -9.35 -2.39
CA GLU A 192 -18.31 -9.58 -2.34
C GLU A 192 -18.72 -10.16 -0.96
N VAL A 193 -18.74 -9.32 0.09
CA VAL A 193 -18.88 -9.73 1.52
C VAL A 193 -20.35 -9.60 1.98
N ALA A 194 -21.24 -9.01 1.17
CA ALA A 194 -22.65 -8.73 1.55
C ALA A 194 -23.37 -10.01 1.94
N PRO A 195 -23.26 -11.11 1.18
CA PRO A 195 -23.93 -12.35 1.56
C PRO A 195 -23.49 -12.90 2.93
N ILE A 196 -22.18 -12.84 3.24
CA ILE A 196 -21.67 -13.29 4.56
C ILE A 196 -22.16 -12.38 5.70
N ILE A 197 -22.21 -11.07 5.50
CA ILE A 197 -22.83 -10.12 6.46
C ILE A 197 -24.27 -10.53 6.77
N ALA A 198 -25.11 -10.80 5.76
CA ALA A 198 -26.53 -11.19 6.01
C ALA A 198 -26.51 -12.42 6.93
N LYS A 199 -25.65 -13.41 6.66
CA LYS A 199 -25.63 -14.66 7.45
C LYS A 199 -25.18 -14.37 8.88
N ILE A 200 -24.23 -13.46 9.08
CA ILE A 200 -23.73 -13.11 10.43
C ILE A 200 -24.91 -12.56 11.25
N LYS A 201 -25.67 -11.64 10.68
CA LYS A 201 -26.82 -10.96 11.38
C LYS A 201 -27.88 -11.99 11.76
N ALA A 202 -28.21 -12.92 10.87
CA ALA A 202 -29.21 -13.97 11.14
C ALA A 202 -28.68 -14.94 12.20
N ALA A 203 -27.40 -15.31 12.12
CA ALA A 203 -26.84 -16.37 12.99
C ALA A 203 -26.45 -15.77 14.34
N LEU A 204 -26.11 -14.48 14.41
CA LEU A 204 -25.72 -13.84 15.70
C LEU A 204 -26.67 -12.68 15.97
N PRO A 205 -27.98 -12.97 16.16
CA PRO A 205 -28.98 -11.89 16.37
C PRO A 205 -28.64 -11.04 17.59
N ASP A 206 -28.06 -11.61 18.64
CA ASP A 206 -27.70 -10.90 19.90
C ASP A 206 -26.20 -10.55 19.91
N GLY A 207 -25.53 -10.57 18.77
CA GLY A 207 -24.05 -10.42 18.72
C GLY A 207 -23.29 -11.69 19.01
N GLY A 208 -21.97 -11.61 19.01
CA GLY A 208 -21.15 -12.77 19.36
C GLY A 208 -19.75 -12.58 18.85
N VAL A 209 -19.06 -13.68 18.62
CA VAL A 209 -17.61 -13.70 18.23
C VAL A 209 -17.55 -13.98 16.72
N ILE A 210 -16.81 -13.13 15.99
CA ILE A 210 -16.45 -13.41 14.58
C ILE A 210 -14.96 -13.71 14.52
N ILE A 211 -14.58 -14.89 14.09
CA ILE A 211 -13.15 -15.23 13.87
C ILE A 211 -12.84 -14.94 12.42
N ASN A 212 -11.99 -13.94 12.20
CA ASN A 212 -11.60 -13.44 10.86
C ASN A 212 -10.20 -13.98 10.46
N THR A 213 -10.17 -14.86 9.46
CA THR A 213 -8.93 -15.40 8.83
C THR A 213 -8.86 -14.93 7.38
N LEU A 214 -9.52 -13.83 7.03
CA LEU A 214 -9.29 -13.14 5.73
C LEU A 214 -7.83 -12.67 5.70
N ASN A 215 -7.16 -12.90 4.58
CA ASN A 215 -5.78 -12.45 4.36
C ASN A 215 -5.83 -11.38 3.26
N GLY A 216 -4.90 -10.44 3.35
CA GLY A 216 -4.72 -9.44 2.28
C GLY A 216 -5.79 -8.37 2.20
N ASP A 217 -5.87 -7.67 1.07
CA ASP A 217 -6.63 -6.39 0.97
C ASP A 217 -8.15 -6.61 0.97
N GLN A 218 -8.66 -7.85 0.96
CA GLN A 218 -10.12 -8.07 1.03
C GLN A 218 -10.60 -7.71 2.44
N ASN A 219 -9.69 -7.63 3.43
CA ASN A 219 -10.00 -7.14 4.80
C ASN A 219 -10.57 -5.72 4.75
N VAL A 220 -10.16 -4.90 3.77
CA VAL A 220 -10.59 -3.48 3.71
C VAL A 220 -12.12 -3.47 3.56
N ALA A 221 -12.65 -4.15 2.55
CA ALA A 221 -14.10 -4.22 2.27
C ALA A 221 -14.79 -4.87 3.47
N PHE A 222 -14.20 -5.93 4.02
CA PHE A 222 -14.84 -6.64 5.15
C PHE A 222 -15.16 -5.67 6.27
N PHE A 223 -14.13 -4.98 6.79
CA PHE A 223 -14.29 -4.14 7.99
C PHE A 223 -15.19 -2.95 7.68
N LYS A 224 -15.12 -2.35 6.50
CA LYS A 224 -15.98 -1.18 6.16
C LYS A 224 -17.44 -1.62 6.06
N GLN A 225 -17.69 -2.76 5.44
CA GLN A 225 -19.08 -3.21 5.18
C GLN A 225 -19.72 -3.76 6.46
N ILE A 226 -18.97 -4.44 7.34
CA ILE A 226 -19.61 -4.91 8.59
C ILE A 226 -20.05 -3.66 9.37
N GLN A 227 -19.21 -2.63 9.46
CA GLN A 227 -19.58 -1.43 10.24
C GLN A 227 -20.86 -0.82 9.63
N ASP A 228 -20.97 -0.74 8.31
CA ASP A 228 -22.13 -0.07 7.67
C ASP A 228 -23.38 -0.91 7.90
N ALA A 229 -23.24 -2.20 8.18
CA ALA A 229 -24.37 -3.13 8.38
C ALA A 229 -24.80 -3.20 9.86
N GLY A 230 -24.09 -2.51 10.74
CA GLY A 230 -24.31 -2.49 12.20
C GLY A 230 -23.71 -3.69 12.89
N ILE A 231 -22.78 -4.39 12.24
CA ILE A 231 -21.97 -5.46 12.91
C ILE A 231 -20.78 -4.78 13.61
N THR A 232 -21.07 -4.27 14.80
CA THR A 232 -20.19 -3.33 15.52
C THR A 232 -20.07 -3.77 16.97
N PRO A 233 -18.97 -3.41 17.65
CA PRO A 233 -18.84 -3.68 19.08
C PRO A 233 -20.00 -3.15 19.91
N GLU A 234 -20.54 -1.97 19.52
CA GLU A 234 -21.69 -1.30 20.19
C GLU A 234 -22.89 -2.26 20.17
N ASN A 235 -23.10 -2.97 19.06
CA ASN A 235 -24.21 -3.96 18.95
C ASN A 235 -23.77 -5.36 19.40
N GLY A 236 -22.64 -5.51 20.10
CA GLY A 236 -22.21 -6.80 20.68
C GLY A 236 -21.48 -7.75 19.71
N TYR A 237 -21.00 -7.26 18.54
CA TYR A 237 -20.21 -8.05 17.55
C TYR A 237 -18.72 -7.73 17.71
N TYR A 238 -17.92 -8.73 18.03
CA TYR A 238 -16.46 -8.57 18.24
C TYR A 238 -15.69 -9.53 17.33
N VAL A 239 -14.83 -8.96 16.49
CA VAL A 239 -14.00 -9.69 15.48
C VAL A 239 -12.62 -9.94 16.10
N MET A 240 -12.21 -11.21 16.14
CA MET A 240 -10.85 -11.64 16.48
C MET A 240 -10.14 -11.97 15.17
N SER A 241 -9.13 -11.19 14.77
CA SER A 241 -8.44 -11.38 13.47
C SER A 241 -7.03 -11.98 13.69
N TYR A 242 -6.64 -12.95 12.87
CA TYR A 242 -5.33 -13.63 12.98
C TYR A 242 -4.33 -13.21 11.91
N SER A 243 -4.72 -12.50 10.83
CA SER A 243 -3.82 -12.31 9.67
C SER A 243 -3.73 -10.81 9.29
N ILE A 244 -4.16 -9.91 10.17
CA ILE A 244 -3.91 -8.44 10.10
C ILE A 244 -3.47 -7.95 11.49
N ALA A 245 -2.64 -6.92 11.52
CA ALA A 245 -2.19 -6.26 12.77
C ALA A 245 -2.00 -4.76 12.47
N GLU A 246 -1.09 -4.08 13.16
CA GLU A 246 -1.05 -2.59 13.14
C GLU A 246 -0.90 -2.04 11.72
N GLU A 247 -0.17 -2.71 10.82
CA GLU A 247 0.06 -2.17 9.44
C GLU A 247 -1.28 -2.10 8.67
N GLU A 248 -2.01 -3.21 8.65
CA GLU A 248 -3.27 -3.28 7.84
C GLU A 248 -4.39 -2.50 8.55
N ILE A 249 -4.39 -2.47 9.89
CA ILE A 249 -5.31 -1.61 10.69
C ILE A 249 -5.14 -0.15 10.25
N SER A 250 -3.89 0.32 10.11
CA SER A 250 -3.59 1.75 9.80
C SER A 250 -3.98 2.03 8.34
N THR A 251 -3.81 1.07 7.44
CA THR A 251 -4.24 1.25 6.02
C THR A 251 -5.79 1.29 5.92
N ILE A 252 -6.48 0.37 6.59
CA ILE A 252 -7.96 0.27 6.50
C ILE A 252 -8.56 1.55 7.08
N GLY A 253 -8.02 1.98 8.21
CA GLY A 253 -8.61 3.07 9.02
C GLY A 253 -9.04 2.53 10.37
N PRO A 254 -8.41 2.99 11.47
CA PRO A 254 -8.69 2.50 12.81
C PRO A 254 -10.14 2.72 13.30
N GLU A 255 -10.86 3.70 12.75
CA GLU A 255 -12.31 3.85 13.01
C GLU A 255 -13.04 2.53 12.69
N PHE A 256 -12.56 1.72 11.75
CA PHE A 256 -13.25 0.45 11.37
C PHE A 256 -12.84 -0.73 12.24
N LEU A 257 -11.77 -0.61 13.02
CA LEU A 257 -11.18 -1.74 13.78
C LEU A 257 -11.32 -1.54 15.28
N GLU A 258 -11.56 -0.28 15.74
CA GLU A 258 -11.63 0.04 17.20
C GLU A 258 -12.62 -0.90 17.91
N GLY A 259 -12.23 -1.51 19.01
CA GLY A 259 -13.06 -2.41 19.84
C GLY A 259 -12.98 -3.87 19.39
N HIS A 260 -12.44 -4.13 18.22
CA HIS A 260 -12.17 -5.54 17.76
C HIS A 260 -10.83 -6.02 18.33
N TYR A 261 -10.46 -7.27 18.07
CA TYR A 261 -9.36 -7.92 18.80
C TYR A 261 -8.36 -8.58 17.85
N GLY A 262 -7.16 -8.78 18.38
CA GLY A 262 -6.06 -9.54 17.77
C GLY A 262 -5.46 -10.47 18.79
N ALA A 263 -4.68 -11.42 18.29
CA ALA A 263 -3.88 -12.36 19.07
C ALA A 263 -2.52 -12.49 18.37
N TRP A 264 -1.47 -12.05 19.02
CA TRP A 264 -0.11 -11.95 18.45
C TRP A 264 0.96 -12.17 19.51
N ASN A 265 2.21 -12.40 19.10
CA ASN A 265 3.38 -12.54 20.01
C ASN A 265 4.01 -11.17 20.20
N TYR A 266 4.06 -10.35 19.18
CA TYR A 266 4.56 -8.97 19.28
C TYR A 266 3.40 -8.03 19.03
N MET A 267 3.38 -6.92 19.74
CA MET A 267 2.46 -5.79 19.49
C MET A 267 3.28 -4.53 19.74
N MET A 268 3.03 -3.52 18.94
CA MET A 268 3.77 -2.24 18.97
C MET A 268 3.65 -1.59 20.35
N SER A 269 2.55 -1.84 21.08
CA SER A 269 2.21 -1.23 22.40
C SER A 269 3.04 -1.86 23.53
N ILE A 270 3.76 -2.97 23.30
CA ILE A 270 4.59 -3.59 24.35
C ILE A 270 5.53 -2.50 24.85
N ASP A 271 5.56 -2.26 26.17
CA ASP A 271 6.32 -1.09 26.70
C ASP A 271 7.61 -1.64 27.36
N THR A 272 8.59 -1.93 26.52
CA THR A 272 9.95 -2.38 26.90
C THR A 272 10.94 -1.60 26.07
N PRO A 273 12.18 -1.47 26.58
CA PRO A 273 13.23 -0.85 25.77
C PRO A 273 13.35 -1.54 24.41
N ALA A 274 13.29 -2.87 24.36
CA ALA A 274 13.42 -3.61 23.08
C ALA A 274 12.30 -3.24 22.09
N SER A 275 11.05 -3.21 22.55
CA SER A 275 9.87 -2.92 21.71
C SER A 275 9.96 -1.47 21.25
N LYS A 276 10.29 -0.52 22.15
CA LYS A 276 10.33 0.92 21.84
C LYS A 276 11.42 1.20 20.83
N LYS A 277 12.57 0.52 20.97
CA LYS A 277 13.73 0.73 20.07
C LYS A 277 13.31 0.24 18.66
N PHE A 278 12.71 -0.93 18.55
CA PHE A 278 12.25 -1.49 17.24
C PHE A 278 11.34 -0.49 16.52
N ALA A 279 10.31 0.01 17.21
CA ALA A 279 9.37 1.00 16.66
C ALA A 279 10.10 2.29 16.23
N ALA A 280 10.97 2.83 17.10
CA ALA A 280 11.65 4.12 16.86
C ALA A 280 12.61 4.00 15.66
N ASP A 281 13.30 2.87 15.54
CA ASP A 281 14.30 2.64 14.46
C ASP A 281 13.52 2.50 13.14
N PHE A 282 12.37 1.82 13.15
CA PHE A 282 11.53 1.68 11.94
C PHE A 282 11.07 3.06 11.46
N LYS A 283 10.59 3.90 12.37
CA LYS A 283 10.13 5.26 12.02
C LYS A 283 11.31 6.08 11.51
N ALA A 284 12.46 6.01 12.18
CA ALA A 284 13.66 6.75 11.77
C ALA A 284 14.02 6.37 10.33
N LYS A 285 13.87 5.10 9.96
CA LYS A 285 14.28 4.62 8.62
C LYS A 285 13.22 4.98 7.58
N TYR A 286 11.92 4.87 7.87
CA TYR A 286 10.86 4.86 6.82
C TYR A 286 9.82 5.99 6.99
N GLY A 287 9.84 6.76 8.09
CA GLY A 287 8.91 7.89 8.34
C GLY A 287 8.13 7.74 9.62
N ASP A 288 7.82 8.90 10.22
CA ASP A 288 7.14 9.05 11.54
C ASP A 288 5.80 8.31 11.57
N ASP A 289 5.12 8.24 10.44
CA ASP A 289 3.78 7.59 10.32
C ASP A 289 3.88 6.05 10.45
N ARG A 290 5.06 5.44 10.25
CA ARG A 290 5.14 3.99 9.96
C ARG A 290 5.00 3.20 11.27
N VAL A 291 4.28 2.07 11.23
CA VAL A 291 4.06 1.22 12.42
C VAL A 291 4.89 -0.05 12.29
N VAL A 292 5.04 -0.73 13.40
CA VAL A 292 5.58 -2.10 13.49
C VAL A 292 4.47 -2.96 14.06
N ALA A 293 4.68 -4.28 14.00
CA ALA A 293 3.61 -5.27 14.17
C ALA A 293 4.22 -6.66 14.12
N ASP A 294 3.43 -7.66 14.53
CA ASP A 294 3.95 -9.04 14.69
C ASP A 294 4.56 -9.57 13.39
N PRO A 295 3.91 -9.40 12.21
CA PRO A 295 4.50 -9.93 11.00
C PRO A 295 5.93 -9.38 10.81
N GLN A 296 6.09 -8.07 10.92
CA GLN A 296 7.37 -7.35 10.80
C GLN A 296 8.37 -7.84 11.85
N GLU A 297 7.92 -8.02 13.08
CA GLU A 297 8.83 -8.43 14.19
C GLU A 297 9.29 -9.87 13.93
N SER A 298 8.36 -10.71 13.46
CA SER A 298 8.69 -12.10 13.05
C SER A 298 9.76 -12.09 11.96
N ALA A 299 9.63 -11.19 10.97
CA ALA A 299 10.51 -11.16 9.79
C ALA A 299 11.89 -10.66 10.25
N TYR A 300 11.88 -9.59 11.04
CA TYR A 300 13.08 -9.00 11.69
C TYR A 300 13.89 -10.11 12.37
N ASN A 301 13.22 -10.91 13.18
CA ASN A 301 13.87 -11.95 14.01
C ASN A 301 14.52 -12.99 13.07
N MET A 302 13.91 -13.34 11.95
CA MET A 302 14.48 -14.38 11.03
C MET A 302 15.91 -13.99 10.66
N VAL A 303 16.17 -12.69 10.44
CA VAL A 303 17.48 -12.25 9.89
C VAL A 303 18.52 -12.40 10.99
N TYR A 304 18.16 -12.03 12.22
CA TYR A 304 19.06 -12.16 13.39
C TYR A 304 19.29 -13.64 13.74
N LEU A 305 18.23 -14.46 13.71
CA LEU A 305 18.37 -15.90 14.03
C LEU A 305 19.32 -16.54 13.00
N TRP A 306 19.15 -16.22 11.70
CA TRP A 306 20.03 -16.70 10.61
C TRP A 306 21.49 -16.31 10.90
N LYS A 307 21.71 -15.06 11.15
CA LYS A 307 23.05 -14.52 11.42
C LYS A 307 23.68 -15.24 12.62
N LYS A 308 22.93 -15.46 13.67
CA LYS A 308 23.47 -16.16 14.88
C LYS A 308 23.79 -17.63 14.55
N ALA A 309 22.95 -18.31 13.75
CA ALA A 309 23.18 -19.71 13.35
C ALA A 309 24.42 -19.81 12.47
N VAL A 310 24.63 -18.84 11.55
CA VAL A 310 25.83 -18.79 10.67
C VAL A 310 27.10 -18.70 11.55
N GLU A 311 27.12 -17.78 12.49
CA GLU A 311 28.28 -17.50 13.36
C GLU A 311 28.54 -18.71 14.26
N LYS A 312 27.49 -19.39 14.71
CA LYS A 312 27.63 -20.61 15.55
C LYS A 312 28.18 -21.73 14.67
N ALA A 313 27.63 -21.96 13.48
CA ALA A 313 28.03 -23.04 12.54
C ALA A 313 29.43 -22.77 11.98
N GLY A 314 29.85 -21.50 11.93
CA GLY A 314 31.09 -21.07 11.29
C GLY A 314 31.02 -21.21 9.76
N THR A 315 29.84 -21.08 9.14
CA THR A 315 29.69 -21.27 7.68
C THR A 315 28.31 -20.75 7.25
N PHE A 316 28.16 -20.47 5.95
CA PHE A 316 26.87 -20.11 5.32
C PHE A 316 26.17 -21.34 4.78
N ASP A 317 26.85 -22.48 4.70
CA ASP A 317 26.27 -23.75 4.19
C ASP A 317 24.91 -24.02 4.86
N ASP A 318 23.82 -24.00 4.09
CA ASP A 318 22.45 -24.11 4.70
C ASP A 318 22.30 -25.44 5.45
N ASP A 319 22.96 -26.53 5.00
CA ASP A 319 22.93 -27.86 5.69
C ASP A 319 23.38 -27.68 7.14
N LYS A 320 24.50 -27.01 7.39
CA LYS A 320 25.07 -26.82 8.75
C LYS A 320 24.34 -25.71 9.50
N VAL A 321 23.95 -24.66 8.81
CA VAL A 321 23.19 -23.57 9.49
C VAL A 321 21.85 -24.10 9.99
N ARG A 322 21.15 -24.93 9.21
CA ARG A 322 19.84 -25.48 9.63
C ARG A 322 20.05 -26.40 10.84
N GLU A 323 21.19 -27.07 10.96
CA GLU A 323 21.53 -27.90 12.15
C GLU A 323 21.83 -27.00 13.36
N ALA A 324 22.58 -25.92 13.17
CA ALA A 324 23.03 -25.02 14.25
C ALA A 324 21.86 -24.18 14.78
N LEU A 325 20.84 -23.95 13.95
CA LEU A 325 19.75 -22.96 14.25
C LEU A 325 18.94 -23.47 15.47
N ILE A 326 18.81 -24.77 15.64
CA ILE A 326 18.07 -25.39 16.78
C ILE A 326 18.83 -25.05 18.05
N GLY A 327 18.15 -24.38 18.97
CA GLY A 327 18.69 -23.97 20.28
C GLY A 327 19.17 -22.53 20.27
N ILE A 328 19.23 -21.85 19.13
CA ILE A 328 19.59 -20.40 19.10
C ILE A 328 18.53 -19.59 19.88
N LYS A 329 19.01 -18.66 20.68
CA LYS A 329 18.19 -17.70 21.48
C LYS A 329 18.42 -16.30 20.95
N PHE A 330 17.47 -15.40 21.16
CA PHE A 330 17.57 -13.99 20.74
C PHE A 330 16.66 -13.13 21.62
N ASP A 331 17.19 -12.01 22.08
CA ASP A 331 16.46 -10.94 22.78
C ASP A 331 15.77 -10.10 21.69
N ALA A 332 14.55 -10.50 21.32
CA ALA A 332 13.75 -9.92 20.22
C ALA A 332 12.94 -8.75 20.76
N PRO A 333 12.34 -7.92 19.90
CA PRO A 333 11.44 -6.88 20.39
C PRO A 333 10.27 -7.41 21.27
N GLN A 334 9.81 -8.63 21.02
CA GLN A 334 8.66 -9.22 21.76
C GLN A 334 9.08 -9.72 23.14
N GLY A 335 10.38 -9.87 23.38
CA GLY A 335 10.91 -10.61 24.54
C GLY A 335 11.80 -11.74 24.04
N PRO A 336 12.12 -12.72 24.90
CA PRO A 336 13.05 -13.81 24.53
C PRO A 336 12.36 -14.86 23.67
N ILE A 337 13.03 -15.26 22.60
CA ILE A 337 12.61 -16.35 21.68
C ILE A 337 13.73 -17.38 21.63
N GLU A 338 13.37 -18.61 21.30
CA GLU A 338 14.33 -19.71 21.10
C GLU A 338 13.82 -20.60 20.00
N VAL A 339 14.74 -21.00 19.12
CA VAL A 339 14.43 -21.93 18.03
C VAL A 339 14.38 -23.34 18.63
N ARG A 340 13.29 -24.05 18.35
CA ARG A 340 13.02 -25.33 19.01
C ARG A 340 13.36 -26.42 18.00
N PRO A 341 13.49 -27.68 18.45
CA PRO A 341 13.73 -28.82 17.56
C PRO A 341 12.76 -28.95 16.37
N ASN A 342 11.55 -28.40 16.48
CA ASN A 342 10.55 -28.48 15.39
C ASN A 342 10.70 -27.28 14.44
N HIS A 343 11.74 -26.44 14.60
CA HIS A 343 12.12 -25.36 13.63
C HIS A 343 11.29 -24.10 13.88
N HIS A 344 10.39 -24.15 14.85
CA HIS A 344 9.54 -23.00 15.24
C HIS A 344 10.17 -22.29 16.45
N ILE A 345 9.57 -21.19 16.93
CA ILE A 345 10.16 -20.47 18.09
C ILE A 345 9.17 -20.44 19.24
N SER A 346 9.70 -20.51 20.47
CA SER A 346 8.95 -20.17 21.71
C SER A 346 8.75 -18.65 21.76
N GLN A 347 7.53 -18.28 22.11
CA GLN A 347 7.07 -16.88 22.07
C GLN A 347 6.04 -16.67 23.17
N ILE A 348 6.10 -15.54 23.84
CA ILE A 348 5.01 -15.02 24.70
C ILE A 348 3.77 -14.79 23.82
N VAL A 349 2.57 -15.01 24.37
CA VAL A 349 1.28 -14.73 23.67
C VAL A 349 0.60 -13.51 24.28
N ARG A 350 0.14 -12.59 23.44
CA ARG A 350 -0.64 -11.38 23.84
C ARG A 350 -2.03 -11.44 23.19
N ILE A 351 -3.06 -11.04 23.95
CA ILE A 351 -4.40 -10.71 23.39
C ILE A 351 -4.55 -9.21 23.43
N GLY A 352 -4.95 -8.60 22.31
CA GLY A 352 -5.08 -7.14 22.22
C GLY A 352 -6.47 -6.69 21.81
N GLU A 353 -6.95 -5.61 22.43
CA GLU A 353 -8.17 -4.86 22.05
C GLU A 353 -7.74 -3.63 21.26
N ILE A 354 -8.24 -3.44 20.07
CA ILE A 354 -7.76 -2.32 19.20
C ILE A 354 -8.34 -1.00 19.73
N THR A 355 -7.49 0.00 19.92
CA THR A 355 -7.88 1.36 20.42
C THR A 355 -8.19 2.26 19.25
N SER A 356 -8.66 3.49 19.53
CA SER A 356 -9.07 4.45 18.49
C SER A 356 -7.88 4.83 17.58
N ASP A 357 -6.65 4.67 18.05
CA ASP A 357 -5.42 5.06 17.31
C ASP A 357 -4.94 3.87 16.46
N GLY A 358 -5.59 2.70 16.54
CA GLY A 358 -5.15 1.53 15.75
C GLY A 358 -4.02 0.76 16.39
N GLN A 359 -3.73 1.01 17.67
CA GLN A 359 -2.78 0.21 18.46
C GLN A 359 -3.55 -0.86 19.21
N PHE A 360 -2.87 -1.84 19.76
CA PHE A 360 -3.45 -2.86 20.68
C PHE A 360 -3.28 -2.39 22.13
N LYS A 361 -4.37 -2.46 22.90
CA LYS A 361 -4.29 -2.49 24.37
C LYS A 361 -4.17 -3.95 24.77
N ILE A 362 -3.06 -4.33 25.41
CA ILE A 362 -2.83 -5.74 25.84
C ILE A 362 -3.78 -6.04 27.01
N VAL A 363 -4.73 -6.95 26.78
CA VAL A 363 -5.74 -7.35 27.80
C VAL A 363 -5.38 -8.72 28.36
N GLU A 364 -4.48 -9.50 27.73
CA GLU A 364 -3.94 -10.73 28.37
C GLU A 364 -2.57 -11.07 27.77
N GLU A 365 -1.70 -11.65 28.59
CA GLU A 365 -0.29 -11.96 28.23
C GLU A 365 0.08 -13.24 28.96
N SER A 366 0.68 -14.21 28.28
CA SER A 366 1.13 -15.46 28.90
C SER A 366 2.24 -15.10 29.91
N ASP A 367 2.39 -15.95 30.92
CA ASP A 367 3.38 -15.81 32.03
C ASP A 367 4.79 -16.22 31.60
N TYR A 368 4.90 -17.17 30.68
CA TYR A 368 6.17 -17.57 30.03
C TYR A 368 6.00 -17.69 28.50
N PRO A 369 7.12 -17.78 27.73
CA PRO A 369 7.04 -18.13 26.31
C PRO A 369 6.33 -19.48 26.19
N ILE A 370 5.40 -19.56 25.26
CA ILE A 370 4.68 -20.82 24.94
C ILE A 370 5.53 -21.61 23.93
N ASP A 371 5.76 -22.90 24.19
CA ASP A 371 6.51 -23.76 23.25
C ASP A 371 5.59 -24.07 22.09
N PRO A 372 6.02 -23.91 20.83
CA PRO A 372 5.13 -24.10 19.69
C PRO A 372 4.80 -25.56 19.43
N GLN A 373 3.53 -25.84 19.21
CA GLN A 373 3.04 -27.14 18.69
C GLN A 373 2.70 -26.97 17.22
N THR A 374 3.45 -27.60 16.32
CA THR A 374 3.09 -27.50 14.88
C THR A 374 1.99 -28.52 14.61
N TRP A 375 2.17 -29.77 15.03
CA TRP A 375 1.08 -30.76 14.89
C TRP A 375 0.01 -30.44 15.93
N ASN A 376 -1.21 -30.20 15.47
CA ASN A 376 -2.23 -29.60 16.34
C ASN A 376 -2.79 -30.65 17.31
N GLN A 377 -2.99 -30.23 18.56
CA GLN A 377 -3.41 -31.10 19.68
C GLN A 377 -4.92 -31.00 19.89
N PHE A 378 -5.65 -30.20 19.09
CA PHE A 378 -7.14 -30.21 19.06
C PHE A 378 -7.67 -31.01 17.85
N GLU A 379 -7.06 -30.87 16.66
CA GLU A 379 -7.49 -31.61 15.44
C GLU A 379 -7.22 -33.12 15.60
N PRO A 380 -8.26 -33.99 15.57
CA PRO A 380 -8.09 -35.43 15.84
C PRO A 380 -7.06 -36.14 14.96
N THR A 381 -6.87 -35.74 13.70
CA THR A 381 -5.92 -36.41 12.77
C THR A 381 -4.45 -36.05 13.09
N SER A 382 -4.17 -34.99 13.85
CA SER A 382 -2.78 -34.60 14.23
C SER A 382 -2.54 -34.81 15.72
N LYS A 383 -3.58 -34.95 16.53
CA LYS A 383 -3.40 -35.07 18.00
C LYS A 383 -2.50 -36.28 18.31
N GLY A 384 -1.54 -36.16 19.24
CA GLY A 384 -0.61 -37.23 19.60
C GLY A 384 0.63 -37.33 18.72
N PHE A 385 0.76 -36.47 17.68
CA PHE A 385 1.97 -36.41 16.84
C PHE A 385 2.80 -35.19 17.25
N ALA A 386 4.08 -35.23 16.90
CA ALA A 386 4.98 -34.09 17.11
C ALA A 386 6.11 -34.14 16.08
N CYS A 387 6.94 -33.10 16.09
CA CYS A 387 8.10 -32.94 15.18
C CYS A 387 9.33 -32.66 16.01
N ASP A 388 10.44 -33.31 15.68
CA ASP A 388 11.75 -33.04 16.33
C ASP A 388 12.88 -33.39 15.34
N TRP A 389 13.53 -32.38 14.79
CA TRP A 389 14.60 -32.54 13.79
C TRP A 389 15.97 -32.70 14.45
N SER A 390 16.07 -32.67 15.79
CA SER A 390 17.33 -32.84 16.54
C SER A 390 17.59 -34.33 16.82
N ASP A 391 16.61 -35.20 16.53
CA ASP A 391 16.70 -36.66 16.80
C ASP A 391 16.31 -37.40 15.52
N PRO A 392 17.24 -38.11 14.87
CA PRO A 392 16.96 -38.82 13.61
C PRO A 392 15.83 -39.84 13.71
N SER A 393 15.56 -40.41 14.88
CA SER A 393 14.50 -41.45 15.06
C SER A 393 13.12 -40.78 15.17
N LYS A 394 13.07 -39.46 15.34
CA LYS A 394 11.76 -38.75 15.43
C LYS A 394 11.46 -38.07 14.10
N GLY A 395 11.96 -36.85 13.90
CA GLY A 395 11.84 -36.17 12.59
C GLY A 395 10.54 -35.41 12.42
N GLU A 396 10.08 -35.39 11.18
CA GLU A 396 9.03 -34.50 10.66
C GLU A 396 7.70 -34.73 11.41
N LYS A 397 7.31 -35.99 11.63
CA LYS A 397 6.01 -36.38 12.20
C LYS A 397 6.17 -37.76 12.85
N TYR A 398 6.17 -37.83 14.18
CA TYR A 398 6.28 -39.11 14.93
C TYR A 398 5.15 -39.11 15.98
N LYS A 399 4.75 -40.31 16.43
CA LYS A 399 3.72 -40.50 17.48
C LYS A 399 4.38 -40.33 18.85
N LEU A 400 3.76 -39.58 19.75
CA LEU A 400 4.22 -39.35 21.15
C LEU A 400 3.92 -40.55 22.05
N ALA B 1 26.28 9.83 4.98
CA ALA B 1 27.37 10.87 5.17
C ALA B 1 27.39 11.83 3.97
N SER B 2 27.71 13.11 4.23
CA SER B 2 27.66 14.21 3.23
C SER B 2 28.69 15.28 3.56
N SER B 3 29.38 15.71 2.52
CA SER B 3 30.37 16.81 2.60
C SER B 3 29.70 18.11 2.14
N VAL B 4 28.41 18.09 1.78
CA VAL B 4 27.73 19.32 1.28
C VAL B 4 27.55 20.28 2.49
N GLU B 5 27.87 21.54 2.29
CA GLU B 5 27.85 22.57 3.35
C GLU B 5 26.62 23.43 3.13
N TYR B 6 25.87 23.62 4.19
CA TYR B 6 24.70 24.54 4.18
C TYR B 6 25.00 25.69 5.14
N ASP B 7 24.42 26.87 4.87
CA ASP B 7 24.41 28.02 5.79
C ASP B 7 23.23 27.90 6.75
N ASP B 8 22.16 27.24 6.32
CA ASP B 8 20.88 27.33 7.02
C ASP B 8 19.95 26.29 6.40
N SER B 9 18.71 26.23 6.88
CA SER B 9 17.68 25.28 6.40
C SER B 9 16.36 26.02 6.21
N VAL B 10 15.52 25.42 5.37
CA VAL B 10 14.11 25.87 5.20
C VAL B 10 13.29 24.61 5.34
N THR B 11 12.19 24.70 6.08
CA THR B 11 11.31 23.54 6.34
C THR B 11 10.01 23.72 5.54
N VAL B 12 9.69 22.75 4.68
CA VAL B 12 8.44 22.76 3.85
C VAL B 12 7.45 21.74 4.43
N GLY B 13 6.20 21.82 4.01
CA GLY B 13 5.17 20.89 4.47
C GLY B 13 4.87 19.91 3.38
N ILE B 14 4.63 18.68 3.78
CA ILE B 14 4.17 17.59 2.87
C ILE B 14 2.90 17.08 3.51
N LEU B 15 1.81 17.03 2.77
CA LEU B 15 0.46 16.70 3.35
C LEU B 15 -0.26 15.79 2.36
N HIS B 16 -0.25 14.50 2.68
CA HIS B 16 -0.78 13.40 1.83
C HIS B 16 -1.41 12.32 2.71
N SER B 17 -2.26 11.53 2.10
CA SER B 17 -2.88 10.36 2.72
C SER B 17 -1.85 9.23 2.78
N LEU B 18 -1.36 8.91 3.97
CA LEU B 18 -0.52 7.70 4.23
C LEU B 18 -1.34 6.59 4.86
N THR B 19 -2.60 6.87 5.18
CA THR B 19 -3.57 5.92 5.78
C THR B 19 -4.92 6.10 5.08
N GLY B 20 -5.76 5.08 5.12
CA GLY B 20 -7.13 5.13 4.55
C GLY B 20 -7.14 4.92 3.05
N THR B 21 -8.32 5.03 2.44
CA THR B 21 -8.61 4.58 1.06
C THR B 21 -7.68 5.26 0.02
N MET B 22 -7.12 6.45 0.29
CA MET B 22 -6.31 7.21 -0.72
C MET B 22 -4.82 6.86 -0.60
N ALA B 23 -4.40 6.11 0.42
CA ALA B 23 -2.99 5.75 0.66
C ALA B 23 -2.40 4.94 -0.50
N ILE B 24 -3.22 4.09 -1.15
CA ILE B 24 -2.82 3.33 -2.37
C ILE B 24 -2.23 4.28 -3.44
N SER B 25 -2.72 5.51 -3.49
CA SER B 25 -2.38 6.56 -4.50
C SER B 25 -1.40 7.59 -3.95
N GLU B 26 -1.63 8.10 -2.74
CA GLU B 26 -0.83 9.27 -2.26
C GLU B 26 0.52 8.89 -1.67
N SER B 27 0.68 7.68 -1.15
N SER B 27 0.70 7.68 -1.15
CA SER B 27 1.90 7.25 -0.42
CA SER B 27 1.92 7.27 -0.42
C SER B 27 3.13 7.48 -1.29
C SER B 27 3.15 7.47 -1.29
N THR B 28 3.04 7.14 -2.57
CA THR B 28 4.20 7.24 -3.50
C THR B 28 4.54 8.72 -3.75
N LEU B 29 3.59 9.65 -3.55
CA LEU B 29 3.84 11.08 -3.79
C LEU B 29 4.85 11.57 -2.75
N VAL B 30 4.68 11.14 -1.50
CA VAL B 30 5.65 11.49 -0.41
C VAL B 30 7.04 10.94 -0.80
N ASP B 31 7.11 9.69 -1.25
CA ASP B 31 8.38 9.06 -1.69
C ASP B 31 9.03 9.94 -2.78
N THR B 32 8.23 10.37 -3.75
CA THR B 32 8.74 11.13 -4.90
C THR B 32 9.14 12.53 -4.47
N GLU B 33 8.32 13.21 -3.67
CA GLU B 33 8.67 14.57 -3.15
C GLU B 33 10.01 14.50 -2.41
N LYS B 34 10.20 13.48 -1.57
CA LYS B 34 11.42 13.34 -0.77
C LYS B 34 12.61 13.08 -1.73
N MET B 35 12.39 12.38 -2.84
CA MET B 35 13.48 12.17 -3.82
C MET B 35 13.89 13.53 -4.43
N ALA B 36 12.94 14.37 -4.81
CA ALA B 36 13.25 15.69 -5.38
C ALA B 36 14.04 16.53 -4.35
N ILE B 37 13.60 16.52 -3.09
CA ILE B 37 14.26 17.27 -1.99
C ILE B 37 15.72 16.77 -1.85
N ASP B 38 15.93 15.47 -1.75
CA ASP B 38 17.28 14.92 -1.53
C ASP B 38 18.18 15.26 -2.73
N GLU B 39 17.62 15.23 -3.94
CA GLU B 39 18.38 15.62 -5.15
C GLU B 39 18.86 17.07 -5.07
N ILE B 40 17.94 17.97 -4.79
CA ILE B 40 18.25 19.42 -4.66
C ILE B 40 19.26 19.61 -3.51
N ASN B 41 19.08 18.97 -2.37
CA ASN B 41 20.03 19.08 -1.21
C ASN B 41 21.42 18.56 -1.61
N ALA B 42 21.49 17.45 -2.34
CA ALA B 42 22.79 16.87 -2.79
C ALA B 42 23.50 17.86 -3.73
N ALA B 43 22.75 18.61 -4.54
CA ALA B 43 23.25 19.64 -5.48
C ALA B 43 23.51 20.97 -4.77
N GLY B 44 23.34 21.09 -3.46
CA GLY B 44 23.77 22.27 -2.69
C GLY B 44 22.63 23.03 -2.05
N GLY B 45 21.39 22.58 -2.24
CA GLY B 45 20.23 23.23 -1.61
C GLY B 45 19.78 24.44 -2.38
N VAL B 46 19.00 25.30 -1.72
CA VAL B 46 18.34 26.46 -2.37
C VAL B 46 19.16 27.72 -2.04
N GLU B 47 19.50 28.51 -3.07
CA GLU B 47 20.41 29.68 -2.92
C GLU B 47 19.60 30.97 -2.85
N VAL B 48 19.62 31.66 -1.71
CA VAL B 48 18.95 32.98 -1.49
C VAL B 48 19.90 33.96 -0.82
N ASP B 49 20.14 35.09 -1.48
CA ASP B 49 20.95 36.20 -0.89
C ASP B 49 22.28 35.69 -0.29
N GLY B 50 23.05 34.90 -1.03
CA GLY B 50 24.37 34.47 -0.57
C GLY B 50 24.35 33.26 0.36
N LYS B 51 23.19 32.74 0.72
CA LYS B 51 23.15 31.59 1.68
C LYS B 51 22.58 30.37 0.95
N LYS B 52 23.11 29.19 1.31
CA LYS B 52 22.64 27.88 0.83
C LYS B 52 21.78 27.25 1.92
N TYR B 53 20.50 27.05 1.63
CA TYR B 53 19.50 26.43 2.53
C TYR B 53 19.27 24.97 2.16
N LYS B 54 19.46 24.10 3.14
CA LYS B 54 19.04 22.70 3.04
C LYS B 54 17.52 22.66 3.19
N ILE B 55 16.84 21.92 2.33
CA ILE B 55 15.37 21.76 2.45
C ILE B 55 15.11 20.63 3.45
N GLU B 56 14.39 20.95 4.53
CA GLU B 56 13.85 19.98 5.51
C GLU B 56 12.35 19.92 5.26
N TYR B 57 11.68 18.90 5.78
CA TYR B 57 10.22 18.73 5.62
C TYR B 57 9.55 18.30 6.93
N ILE B 58 8.25 18.57 6.99
CA ILE B 58 7.32 18.06 8.02
C ILE B 58 6.26 17.29 7.24
N VAL B 59 6.14 15.99 7.47
CA VAL B 59 5.13 15.16 6.76
C VAL B 59 3.91 15.03 7.67
N GLU B 60 2.73 15.40 7.18
CA GLU B 60 1.45 15.24 7.89
C GLU B 60 0.58 14.29 7.12
N ASP B 61 -0.10 13.38 7.84
CA ASP B 61 -1.03 12.38 7.26
C ASP B 61 -2.40 13.04 7.15
N GLY B 62 -2.91 13.29 5.93
CA GLY B 62 -4.29 13.69 5.70
C GLY B 62 -5.30 12.60 5.93
N ALA B 63 -4.86 11.35 5.98
CA ALA B 63 -5.68 10.20 6.47
C ALA B 63 -6.92 9.99 5.59
N SER B 64 -6.87 10.39 4.31
CA SER B 64 -7.99 10.27 3.35
C SER B 64 -9.23 10.98 3.91
N ASP B 65 -9.05 12.03 4.72
CA ASP B 65 -10.15 12.71 5.45
C ASP B 65 -10.06 14.22 5.22
N TRP B 66 -11.08 14.81 4.60
CA TRP B 66 -10.98 16.23 4.15
C TRP B 66 -10.84 17.19 5.34
N PRO B 67 -11.61 17.03 6.45
CA PRO B 67 -11.38 17.88 7.64
C PRO B 67 -9.94 17.80 8.16
N THR B 68 -9.33 16.61 8.08
CA THR B 68 -7.95 16.39 8.56
C THR B 68 -6.98 17.16 7.65
N PHE B 69 -7.18 17.10 6.33
CA PHE B 69 -6.40 17.96 5.40
C PHE B 69 -6.52 19.44 5.81
N ALA B 70 -7.73 19.91 6.14
CA ALA B 70 -7.93 21.34 6.55
C ALA B 70 -7.21 21.64 7.85
N GLU B 71 -7.34 20.75 8.85
CA GLU B 71 -6.71 20.95 10.18
C GLU B 71 -5.17 20.87 10.05
N LYS B 72 -4.64 19.89 9.33
CA LYS B 72 -3.16 19.79 9.19
C LYS B 72 -2.64 21.02 8.46
N SER B 73 -3.39 21.52 7.48
CA SER B 73 -3.03 22.75 6.73
C SER B 73 -2.95 23.92 7.72
N LYS B 74 -3.92 24.06 8.62
CA LYS B 74 -3.93 25.15 9.64
C LYS B 74 -2.67 25.03 10.48
N LYS B 75 -2.29 23.82 10.92
CA LYS B 75 -1.07 23.61 11.74
C LYS B 75 0.17 24.04 10.94
N LEU B 76 0.32 23.51 9.71
CA LEU B 76 1.52 23.77 8.87
C LEU B 76 1.60 25.28 8.60
N ILE B 77 0.47 25.96 8.37
CA ILE B 77 0.54 27.43 8.08
C ILE B 77 0.81 28.23 9.35
N ASP B 78 -0.01 28.03 10.37
CA ASP B 78 -0.13 28.94 11.55
C ASP B 78 0.91 28.59 12.60
N GLN B 79 1.19 27.31 12.85
CA GLN B 79 2.12 26.90 13.93
C GLN B 79 3.50 26.67 13.32
N ASP B 80 3.60 25.91 12.22
CA ASP B 80 4.93 25.60 11.62
C ASP B 80 5.43 26.76 10.76
N LYS B 81 4.54 27.54 10.16
CA LYS B 81 4.86 28.68 9.25
C LYS B 81 5.73 28.19 8.09
N VAL B 82 5.40 27.06 7.49
CA VAL B 82 6.13 26.56 6.29
C VAL B 82 5.89 27.58 5.16
N PRO B 83 6.87 27.79 4.29
CA PRO B 83 6.67 28.72 3.16
C PRO B 83 5.84 28.12 2.03
N VAL B 84 5.62 26.80 2.02
CA VAL B 84 4.89 26.04 0.97
C VAL B 84 4.48 24.71 1.57
N VAL B 85 3.28 24.26 1.20
CA VAL B 85 2.80 22.87 1.40
C VAL B 85 2.62 22.20 0.05
N PHE B 86 3.33 21.07 -0.12
CA PHE B 86 3.10 20.10 -1.22
C PHE B 86 2.07 19.11 -0.73
N GLY B 87 0.90 19.05 -1.37
CA GLY B 87 -0.11 18.14 -0.80
C GLY B 87 -1.38 18.02 -1.58
N GLY B 88 -2.22 17.10 -1.12
CA GLY B 88 -3.56 16.88 -1.68
C GLY B 88 -3.60 15.83 -2.77
N TRP B 89 -4.77 15.22 -2.97
CA TRP B 89 -5.08 14.41 -4.17
C TRP B 89 -6.53 14.65 -4.58
N THR B 90 -7.47 14.21 -3.74
CA THR B 90 -8.91 14.34 -4.08
C THR B 90 -9.20 15.84 -4.19
N SER B 91 -10.01 16.22 -5.17
CA SER B 91 -10.57 17.58 -5.26
C SER B 91 -11.33 17.87 -3.95
N ALA B 92 -11.91 16.87 -3.28
CA ALA B 92 -12.56 17.07 -1.96
C ALA B 92 -11.49 17.55 -0.96
N SER B 93 -10.29 16.99 -0.97
CA SER B 93 -9.23 17.44 -0.02
C SER B 93 -8.81 18.88 -0.36
N ARG B 94 -8.64 19.19 -1.66
CA ARG B 94 -8.23 20.53 -2.14
C ARG B 94 -9.28 21.56 -1.74
N LYS B 95 -10.55 21.26 -1.94
CA LYS B 95 -11.68 22.19 -1.63
C LYS B 95 -11.72 22.47 -0.13
N ALA B 96 -11.46 21.47 0.71
CA ALA B 96 -11.39 21.66 2.18
C ALA B 96 -10.20 22.58 2.51
N MET B 97 -9.08 22.43 1.80
CA MET B 97 -7.86 23.21 2.10
C MET B 97 -7.95 24.62 1.51
N LEU B 98 -8.62 24.82 0.39
CA LEU B 98 -8.54 26.08 -0.40
C LEU B 98 -8.84 27.32 0.48
N PRO B 99 -9.92 27.34 1.30
CA PRO B 99 -10.20 28.51 2.14
C PRO B 99 -9.15 28.75 3.24
N VAL B 100 -8.42 27.73 3.67
CA VAL B 100 -7.34 27.89 4.68
C VAL B 100 -6.17 28.63 4.04
N TYR B 101 -5.67 28.16 2.87
CA TYR B 101 -4.52 28.79 2.18
C TYR B 101 -4.90 30.20 1.70
N GLU B 102 -6.13 30.40 1.23
CA GLU B 102 -6.61 31.74 0.80
C GLU B 102 -6.69 32.70 2.00
N SER B 103 -7.41 32.31 3.05
CA SER B 103 -7.69 33.13 4.25
C SER B 103 -6.36 33.57 4.89
N LYS B 104 -5.41 32.65 4.93
CA LYS B 104 -4.08 32.88 5.56
C LYS B 104 -3.06 33.36 4.52
N GLU B 105 -3.44 33.53 3.27
CA GLU B 105 -2.52 34.02 2.22
C GLU B 105 -1.23 33.18 2.22
N ALA B 106 -1.39 31.87 2.19
CA ALA B 106 -0.29 30.89 2.15
C ALA B 106 -0.25 30.25 0.76
N PHE B 107 0.43 29.12 0.62
CA PHE B 107 0.79 28.53 -0.68
C PHE B 107 0.68 27.02 -0.59
N LEU B 108 -0.31 26.47 -1.30
CA LEU B 108 -0.47 25.03 -1.58
C LEU B 108 -0.04 24.72 -3.01
N TYR B 109 0.89 23.75 -3.17
CA TYR B 109 1.27 23.15 -4.45
C TYR B 109 0.57 21.78 -4.50
N TYR B 110 -0.31 21.64 -5.48
CA TYR B 110 -1.25 20.50 -5.66
C TYR B 110 -0.95 19.83 -7.00
N PRO B 111 -0.56 18.52 -6.96
CA PRO B 111 -0.06 17.83 -8.14
C PRO B 111 -1.04 17.00 -8.99
N ILE B 112 -2.29 16.85 -8.59
CA ILE B 112 -3.13 15.76 -9.18
C ILE B 112 -4.07 16.30 -10.29
N GLN B 113 -4.16 15.52 -11.36
CA GLN B 113 -5.16 15.68 -12.45
C GLN B 113 -6.51 15.97 -11.80
N TYR B 114 -7.27 16.92 -12.35
CA TYR B 114 -8.58 17.28 -11.75
C TYR B 114 -9.51 17.92 -12.78
N GLU B 115 -10.61 18.48 -12.27
CA GLU B 115 -11.77 18.95 -13.07
C GLU B 115 -11.57 20.40 -13.55
N GLY B 116 -10.50 21.08 -13.14
CA GLY B 116 -10.39 22.55 -13.33
C GLY B 116 -11.55 23.25 -12.64
N GLN B 117 -12.16 24.23 -13.30
CA GLN B 117 -13.17 25.14 -12.69
C GLN B 117 -12.62 25.76 -11.39
N GLU B 118 -11.35 26.13 -11.38
CA GLU B 118 -10.72 26.71 -10.18
C GLU B 118 -9.44 27.41 -10.56
N CYS B 119 -9.15 28.52 -9.91
CA CYS B 119 -7.91 29.27 -10.15
C CYS B 119 -7.53 30.08 -8.93
N SER B 120 -7.18 29.38 -7.84
CA SER B 120 -6.83 30.07 -6.58
C SER B 120 -5.51 30.80 -6.74
N LYS B 121 -5.45 32.05 -6.26
CA LYS B 121 -4.18 32.82 -6.18
C LYS B 121 -3.21 32.12 -5.20
N ASN B 122 -3.73 31.27 -4.33
CA ASN B 122 -2.93 30.62 -3.25
C ASN B 122 -2.60 29.17 -3.60
N ILE B 123 -2.96 28.71 -4.78
CA ILE B 123 -2.68 27.31 -5.24
C ILE B 123 -1.96 27.36 -6.58
N PHE B 124 -0.95 26.50 -6.74
CA PHE B 124 -0.39 26.15 -8.06
C PHE B 124 -0.66 24.66 -8.25
N TYR B 125 -0.71 24.29 -9.51
CA TYR B 125 -1.26 23.01 -10.00
C TYR B 125 -0.30 22.42 -11.00
N THR B 126 0.12 21.16 -10.80
CA THR B 126 0.94 20.47 -11.82
C THR B 126 0.13 19.34 -12.45
N GLY B 127 -1.12 19.14 -12.01
CA GLY B 127 -1.95 18.08 -12.61
C GLY B 127 -2.62 18.57 -13.88
N ALA B 128 -3.01 17.63 -14.75
CA ALA B 128 -3.80 17.89 -15.96
C ALA B 128 -5.11 18.59 -15.59
N THR B 129 -5.46 19.61 -16.38
CA THR B 129 -6.86 20.09 -16.53
C THR B 129 -7.54 19.16 -17.53
N PRO B 130 -8.88 19.17 -17.61
CA PRO B 130 -9.60 18.32 -18.56
C PRO B 130 -9.13 18.43 -20.02
N ASN B 131 -8.80 19.62 -20.54
CA ASN B 131 -8.28 19.71 -21.93
C ASN B 131 -6.90 19.03 -22.06
N GLN B 132 -6.23 18.70 -20.96
CA GLN B 132 -4.92 17.99 -21.00
C GLN B 132 -5.12 16.50 -20.63
N GLN B 133 -6.36 16.02 -20.46
CA GLN B 133 -6.62 14.60 -20.04
C GLN B 133 -7.98 14.13 -20.60
N SER B 134 -9.11 14.46 -19.98
CA SER B 134 -10.41 13.81 -20.31
C SER B 134 -10.89 14.18 -21.71
N GLU B 135 -10.59 15.40 -22.17
CA GLU B 135 -11.11 15.87 -23.49
C GLU B 135 -10.43 15.06 -24.59
N PRO B 136 -9.09 15.05 -24.69
CA PRO B 136 -8.44 14.22 -25.68
C PRO B 136 -8.72 12.71 -25.48
N ALA B 137 -8.90 12.24 -24.25
CA ALA B 137 -9.25 10.82 -23.99
C ALA B 137 -10.62 10.53 -24.60
N THR B 138 -11.62 11.39 -24.39
CA THR B 138 -12.99 11.25 -24.91
C THR B 138 -12.96 11.09 -26.44
N SER B 139 -12.22 11.96 -27.14
CA SER B 139 -12.08 11.89 -28.62
C SER B 139 -11.46 10.56 -29.00
N TYR B 140 -10.45 10.15 -28.27
CA TYR B 140 -9.74 8.90 -28.62
C TYR B 140 -10.71 7.73 -28.44
N MET B 141 -11.44 7.66 -27.33
CA MET B 141 -12.30 6.48 -27.06
C MET B 141 -13.45 6.44 -28.09
N PHE B 142 -13.98 7.60 -28.45
CA PHE B 142 -15.11 7.71 -29.41
C PHE B 142 -14.68 7.50 -30.87
N GLU B 143 -13.47 7.90 -31.24
CA GLU B 143 -13.05 7.96 -32.66
C GLU B 143 -12.07 6.84 -32.99
N LYS B 144 -11.16 6.43 -32.09
CA LYS B 144 -10.00 5.60 -32.51
C LYS B 144 -9.91 4.29 -31.71
N SER B 145 -10.52 4.16 -30.56
CA SER B 145 -10.40 2.94 -29.72
C SER B 145 -11.14 1.77 -30.38
N PRO B 146 -10.90 0.51 -29.96
CA PRO B 146 -11.68 -0.61 -30.47
C PRO B 146 -13.18 -0.46 -30.20
N ALA B 147 -13.59 0.44 -29.30
CA ALA B 147 -15.02 0.72 -29.06
C ALA B 147 -15.43 2.06 -29.68
N ALA B 148 -14.74 2.50 -30.73
CA ALA B 148 -15.12 3.77 -31.43
C ALA B 148 -16.62 3.70 -31.80
N GLY B 149 -17.39 4.77 -31.56
CA GLY B 149 -18.79 4.87 -32.00
C GLY B 149 -19.76 4.24 -31.03
N LYS B 150 -19.29 3.48 -30.04
CA LYS B 150 -20.15 2.79 -29.06
C LYS B 150 -20.50 3.78 -27.96
N PRO B 151 -21.62 3.52 -27.24
CA PRO B 151 -22.03 4.41 -26.16
C PRO B 151 -20.99 4.40 -25.03
N PHE B 152 -21.09 5.40 -24.17
CA PHE B 152 -20.27 5.62 -22.95
C PHE B 152 -21.12 5.29 -21.71
N TYR B 153 -20.45 4.71 -20.70
CA TYR B 153 -20.97 4.54 -19.32
C TYR B 153 -19.97 5.14 -18.35
N LEU B 154 -20.45 6.02 -17.47
CA LEU B 154 -19.61 6.80 -16.53
C LEU B 154 -19.74 6.19 -15.13
N VAL B 155 -18.62 5.85 -14.50
CA VAL B 155 -18.60 5.45 -13.08
C VAL B 155 -17.49 6.19 -12.32
N GLY B 156 -17.83 6.78 -11.17
CA GLY B 156 -16.80 7.45 -10.37
C GLY B 156 -17.13 7.46 -8.90
N SER B 157 -16.26 8.10 -8.14
CA SER B 157 -16.41 8.31 -6.68
C SER B 157 -17.35 9.48 -6.49
N ASP B 158 -18.11 9.48 -5.39
CA ASP B 158 -19.14 10.52 -5.18
C ASP B 158 -18.52 11.79 -4.55
N TYR B 159 -17.97 12.68 -5.36
CA TYR B 159 -17.43 13.99 -4.89
C TYR B 159 -17.22 14.87 -6.12
N VAL B 160 -16.72 16.09 -5.91
CA VAL B 160 -16.70 17.14 -6.97
C VAL B 160 -15.84 16.76 -8.18
N PHE B 161 -14.73 16.00 -8.06
CA PHE B 161 -13.93 15.68 -9.27
C PHE B 161 -14.75 14.81 -10.22
N PRO B 162 -15.20 13.60 -9.84
CA PRO B 162 -15.87 12.74 -10.81
C PRO B 162 -17.16 13.36 -11.38
N ARG B 163 -17.93 14.03 -10.56
CA ARG B 163 -19.19 14.66 -11.00
C ARG B 163 -18.91 15.78 -12.00
N THR B 164 -17.91 16.63 -11.76
CA THR B 164 -17.55 17.72 -12.70
C THR B 164 -16.92 17.15 -13.97
N SER B 165 -15.96 16.23 -13.84
CA SER B 165 -15.37 15.47 -14.97
C SER B 165 -16.48 14.92 -15.89
N ASN B 166 -17.47 14.26 -15.31
CA ASN B 166 -18.55 13.62 -16.08
C ASN B 166 -19.50 14.65 -16.71
N THR B 167 -19.77 15.77 -16.05
CA THR B 167 -20.53 16.89 -16.65
C THR B 167 -19.82 17.31 -17.95
N ILE B 168 -18.50 17.48 -17.91
CA ILE B 168 -17.69 17.92 -19.08
C ILE B 168 -17.75 16.86 -20.14
N THR B 169 -17.53 15.58 -19.76
CA THR B 169 -17.61 14.44 -20.68
C THR B 169 -19.00 14.37 -21.35
N LYS B 170 -20.10 14.57 -20.62
CA LYS B 170 -21.47 14.49 -21.22
C LYS B 170 -21.60 15.58 -22.29
N GLU B 171 -21.15 16.80 -21.98
CA GLU B 171 -21.21 17.92 -22.96
C GLU B 171 -20.36 17.57 -24.19
N GLN B 172 -19.16 17.04 -23.97
CA GLN B 172 -18.26 16.72 -25.09
C GLN B 172 -18.87 15.60 -25.95
N VAL B 173 -19.34 14.53 -25.33
CA VAL B 173 -19.99 13.41 -26.07
C VAL B 173 -21.19 13.91 -26.90
N LYS B 174 -22.05 14.75 -26.33
CA LYS B 174 -23.17 15.36 -27.07
C LYS B 174 -22.63 16.14 -28.30
N SER B 175 -21.59 16.95 -28.12
CA SER B 175 -20.95 17.73 -29.22
C SER B 175 -20.42 16.78 -30.31
N LEU B 176 -19.98 15.56 -29.99
CA LEU B 176 -19.45 14.59 -30.98
C LEU B 176 -20.59 13.76 -31.58
N GLY B 177 -21.78 13.83 -31.00
CA GLY B 177 -22.95 13.07 -31.47
C GLY B 177 -22.95 11.65 -30.94
N GLY B 178 -22.23 11.36 -29.84
CA GLY B 178 -22.29 10.04 -29.18
C GLY B 178 -23.41 9.97 -28.16
N GLU B 179 -23.48 8.89 -27.38
CA GLU B 179 -24.51 8.64 -26.34
C GLU B 179 -23.80 8.27 -25.02
N VAL B 180 -24.29 8.81 -23.92
CA VAL B 180 -23.99 8.31 -22.56
C VAL B 180 -25.21 7.55 -22.08
N VAL B 181 -25.03 6.30 -21.69
CA VAL B 181 -26.17 5.39 -21.40
C VAL B 181 -26.16 5.05 -19.91
N GLY B 182 -25.22 5.55 -19.13
CA GLY B 182 -25.30 5.47 -17.67
C GLY B 182 -24.28 6.36 -17.00
N GLU B 183 -24.51 6.63 -15.72
CA GLU B 183 -23.69 7.52 -14.86
C GLU B 183 -24.01 7.12 -13.41
N ASP B 184 -23.07 6.47 -12.72
CA ASP B 184 -23.24 6.05 -11.30
C ASP B 184 -22.03 6.49 -10.47
N TYR B 185 -22.27 6.79 -9.19
CA TYR B 185 -21.24 7.19 -8.21
C TYR B 185 -21.33 6.26 -7.02
N LEU B 186 -20.18 5.93 -6.46
CA LEU B 186 -20.06 5.23 -5.14
C LEU B 186 -19.40 6.18 -4.17
N PRO B 187 -19.79 6.18 -2.89
CA PRO B 187 -19.01 6.91 -1.91
C PRO B 187 -17.54 6.45 -1.99
N LEU B 188 -16.62 7.38 -1.77
CA LEU B 188 -15.16 7.06 -1.81
C LEU B 188 -14.91 5.90 -0.83
N GLY B 189 -14.15 4.88 -1.22
CA GLY B 189 -13.82 3.76 -0.31
C GLY B 189 -14.81 2.62 -0.37
N ASN B 190 -15.96 2.81 -1.02
CA ASN B 190 -17.06 1.81 -0.98
C ASN B 190 -16.83 0.76 -2.06
N THR B 191 -16.90 -0.54 -1.71
CA THR B 191 -16.57 -1.69 -2.61
C THR B 191 -17.83 -2.38 -3.19
N GLU B 192 -19.04 -1.83 -3.02
CA GLU B 192 -20.30 -2.49 -3.44
C GLU B 192 -20.59 -2.18 -4.91
N VAL B 193 -19.95 -2.88 -5.85
CA VAL B 193 -19.84 -2.48 -7.27
C VAL B 193 -20.80 -3.33 -8.10
N ALA B 194 -21.31 -4.44 -7.52
CA ALA B 194 -22.11 -5.44 -8.28
C ALA B 194 -23.31 -4.73 -8.90
N PRO B 195 -24.05 -3.83 -8.22
CA PRO B 195 -25.18 -3.17 -8.88
C PRO B 195 -24.83 -2.36 -10.13
N ILE B 196 -23.71 -1.64 -10.06
CA ILE B 196 -23.20 -0.85 -11.22
C ILE B 196 -22.80 -1.82 -12.33
N ILE B 197 -22.19 -2.95 -11.97
CA ILE B 197 -21.79 -3.97 -12.98
C ILE B 197 -23.02 -4.46 -13.71
N ALA B 198 -24.11 -4.76 -13.00
CA ALA B 198 -25.34 -5.24 -13.67
C ALA B 198 -25.87 -4.17 -14.65
N LYS B 199 -25.85 -2.89 -14.28
CA LYS B 199 -26.34 -1.80 -15.17
C LYS B 199 -25.46 -1.67 -16.42
N ILE B 200 -24.12 -1.80 -16.27
CA ILE B 200 -23.17 -1.74 -17.43
C ILE B 200 -23.57 -2.82 -18.44
N LYS B 201 -23.75 -4.07 -18.01
CA LYS B 201 -24.08 -5.20 -18.93
C LYS B 201 -25.43 -4.95 -19.62
N ALA B 202 -26.41 -4.41 -18.90
CA ALA B 202 -27.75 -4.10 -19.44
C ALA B 202 -27.65 -2.89 -20.39
N ALA B 203 -26.85 -1.87 -20.07
CA ALA B 203 -26.72 -0.66 -20.93
C ALA B 203 -25.76 -0.85 -22.11
N LEU B 204 -24.72 -1.69 -21.99
CA LEU B 204 -23.72 -1.95 -23.06
C LEU B 204 -23.73 -3.45 -23.37
N PRO B 205 -24.82 -3.97 -23.98
CA PRO B 205 -24.95 -5.41 -24.23
C PRO B 205 -23.78 -6.04 -24.98
N ASP B 206 -23.25 -5.42 -26.03
CA ASP B 206 -22.04 -5.94 -26.73
C ASP B 206 -20.85 -4.97 -26.55
N GLY B 207 -20.56 -4.59 -25.30
CA GLY B 207 -19.36 -3.80 -24.97
C GLY B 207 -19.54 -2.30 -25.19
N GLY B 208 -18.47 -1.54 -25.01
CA GLY B 208 -18.48 -0.10 -25.24
C GLY B 208 -17.41 0.56 -24.42
N VAL B 209 -17.58 1.86 -24.17
CA VAL B 209 -16.61 2.71 -23.43
C VAL B 209 -17.11 2.91 -21.99
N ILE B 210 -16.24 2.63 -21.02
CA ILE B 210 -16.46 2.91 -19.58
C ILE B 210 -15.45 3.99 -19.18
N ILE B 211 -15.93 5.13 -18.68
CA ILE B 211 -15.06 6.22 -18.18
C ILE B 211 -15.03 6.05 -16.66
N ASN B 212 -13.85 5.74 -16.15
CA ASN B 212 -13.64 5.43 -14.71
C ASN B 212 -12.99 6.63 -14.02
N THR B 213 -13.74 7.31 -13.14
CA THR B 213 -13.27 8.39 -12.26
C THR B 213 -13.31 7.92 -10.81
N LEU B 214 -13.27 6.62 -10.55
CA LEU B 214 -13.08 6.12 -9.18
C LEU B 214 -11.68 6.55 -8.71
N ASN B 215 -11.62 7.00 -7.48
CA ASN B 215 -10.33 7.40 -6.83
C ASN B 215 -10.06 6.43 -5.68
N GLY B 216 -8.80 6.08 -5.45
CA GLY B 216 -8.40 5.34 -4.24
C GLY B 216 -8.67 3.86 -4.36
N ASP B 217 -8.63 3.13 -3.24
CA ASP B 217 -8.53 1.65 -3.32
C ASP B 217 -9.87 0.98 -3.71
N GLN B 218 -10.98 1.70 -3.83
CA GLN B 218 -12.23 1.08 -4.38
C GLN B 218 -11.97 0.60 -5.81
N ASN B 219 -10.96 1.14 -6.50
CA ASN B 219 -10.53 0.67 -7.83
C ASN B 219 -10.19 -0.82 -7.82
N VAL B 220 -9.70 -1.32 -6.70
CA VAL B 220 -9.23 -2.72 -6.61
C VAL B 220 -10.47 -3.61 -6.83
N ALA B 221 -11.51 -3.42 -6.02
CA ALA B 221 -12.77 -4.22 -6.12
C ALA B 221 -13.35 -4.05 -7.53
N PHE B 222 -13.36 -2.82 -8.05
CA PHE B 222 -13.94 -2.51 -9.37
C PHE B 222 -13.30 -3.41 -10.41
N PHE B 223 -11.98 -3.31 -10.61
CA PHE B 223 -11.32 -4.01 -11.73
C PHE B 223 -11.42 -5.53 -11.52
N LYS B 224 -11.37 -6.02 -10.29
CA LYS B 224 -11.47 -7.49 -10.08
C LYS B 224 -12.88 -7.97 -10.42
N GLN B 225 -13.90 -7.23 -10.02
CA GLN B 225 -15.30 -7.72 -10.18
C GLN B 225 -15.70 -7.56 -11.64
N ILE B 226 -15.27 -6.52 -12.32
CA ILE B 226 -15.70 -6.39 -13.73
C ILE B 226 -15.15 -7.59 -14.52
N GLN B 227 -13.94 -8.04 -14.26
CA GLN B 227 -13.38 -9.17 -15.05
C GLN B 227 -14.24 -10.43 -14.80
N ASP B 228 -14.59 -10.73 -13.57
CA ASP B 228 -15.43 -11.93 -13.20
C ASP B 228 -16.79 -11.81 -13.90
N ALA B 229 -17.29 -10.57 -14.07
CA ALA B 229 -18.61 -10.25 -14.68
C ALA B 229 -18.54 -10.26 -16.21
N GLY B 230 -17.35 -10.49 -16.80
CA GLY B 230 -17.20 -10.57 -18.27
C GLY B 230 -17.14 -9.19 -18.89
N ILE B 231 -16.96 -8.17 -18.05
CA ILE B 231 -16.71 -6.80 -18.56
C ILE B 231 -15.21 -6.69 -18.81
N THR B 232 -14.81 -7.10 -20.01
CA THR B 232 -13.40 -7.32 -20.39
C THR B 232 -13.18 -6.81 -21.79
N PRO B 233 -11.92 -6.40 -22.12
CA PRO B 233 -11.56 -6.05 -23.49
C PRO B 233 -11.89 -7.13 -24.53
N GLU B 234 -11.74 -8.41 -24.16
CA GLU B 234 -12.05 -9.58 -25.04
C GLU B 234 -13.54 -9.55 -25.39
N ASN B 235 -14.39 -9.02 -24.53
CA ASN B 235 -15.86 -8.93 -24.78
C ASN B 235 -16.27 -7.54 -25.27
N GLY B 236 -15.32 -6.68 -25.60
CA GLY B 236 -15.56 -5.39 -26.26
C GLY B 236 -15.78 -4.27 -25.24
N TYR B 237 -15.36 -4.45 -23.98
CA TYR B 237 -15.50 -3.43 -22.90
C TYR B 237 -14.12 -2.81 -22.62
N TYR B 238 -13.99 -1.50 -22.80
CA TYR B 238 -12.71 -0.76 -22.61
C TYR B 238 -12.92 0.37 -21.60
N VAL B 239 -12.19 0.29 -20.48
CA VAL B 239 -12.17 1.30 -19.40
C VAL B 239 -11.06 2.32 -19.67
N MET B 240 -11.41 3.60 -19.65
CA MET B 240 -10.44 4.74 -19.68
C MET B 240 -10.49 5.35 -18.27
N SER B 241 -9.39 5.32 -17.56
CA SER B 241 -9.30 5.72 -16.14
C SER B 241 -8.48 7.02 -16.02
N TYR B 242 -8.92 7.98 -15.22
CA TYR B 242 -8.27 9.30 -15.08
C TYR B 242 -7.56 9.45 -13.73
N SER B 243 -7.74 8.55 -12.77
CA SER B 243 -7.27 8.74 -11.39
C SER B 243 -6.51 7.52 -10.87
N ILE B 244 -6.11 6.63 -11.79
CA ILE B 244 -5.08 5.59 -11.51
C ILE B 244 -4.07 5.51 -12.65
N ALA B 245 -2.82 5.18 -12.29
CA ALA B 245 -1.71 5.02 -13.25
C ALA B 245 -0.80 3.85 -12.80
N GLU B 246 0.46 3.82 -13.24
CA GLU B 246 1.29 2.59 -13.09
C GLU B 246 1.33 2.14 -11.61
N GLU B 247 1.32 3.03 -10.60
CA GLU B 247 1.43 2.62 -9.16
C GLU B 247 0.21 1.77 -8.76
N GLU B 248 -1.01 2.31 -8.97
CA GLU B 248 -2.26 1.58 -8.65
C GLU B 248 -2.43 0.32 -9.53
N ILE B 249 -2.06 0.38 -10.80
CA ILE B 249 -2.11 -0.76 -11.76
C ILE B 249 -1.27 -1.90 -11.17
N SER B 250 -0.08 -1.59 -10.66
CA SER B 250 0.85 -2.59 -10.12
C SER B 250 0.24 -3.18 -8.85
N THR B 251 -0.41 -2.38 -8.02
CA THR B 251 -0.97 -2.85 -6.74
C THR B 251 -2.19 -3.74 -7.04
N ILE B 252 -3.08 -3.30 -7.92
CA ILE B 252 -4.30 -4.08 -8.28
C ILE B 252 -3.88 -5.42 -8.86
N GLY B 253 -2.92 -5.38 -9.79
CA GLY B 253 -2.51 -6.52 -10.61
C GLY B 253 -2.78 -6.24 -12.08
N PRO B 254 -1.75 -6.27 -12.95
CA PRO B 254 -1.93 -5.96 -14.37
C PRO B 254 -2.84 -6.91 -15.18
N GLU B 255 -2.99 -8.17 -14.77
CA GLU B 255 -3.98 -9.10 -15.37
C GLU B 255 -5.38 -8.46 -15.38
N PHE B 256 -5.69 -7.56 -14.42
CA PHE B 256 -7.03 -6.93 -14.33
C PHE B 256 -7.12 -5.64 -15.16
N LEU B 257 -6.00 -5.10 -15.64
CA LEU B 257 -5.99 -3.79 -16.34
C LEU B 257 -5.52 -3.88 -17.75
N GLU B 258 -4.87 -4.98 -18.12
CA GLU B 258 -4.38 -5.19 -19.49
C GLU B 258 -5.51 -4.91 -20.48
N GLY B 259 -5.22 -4.12 -21.52
CA GLY B 259 -6.15 -3.81 -22.61
C GLY B 259 -7.06 -2.63 -22.32
N HIS B 260 -7.11 -2.15 -21.07
CA HIS B 260 -7.77 -0.86 -20.71
C HIS B 260 -6.83 0.33 -21.00
N TYR B 261 -7.29 1.53 -20.68
CA TYR B 261 -6.66 2.80 -21.13
C TYR B 261 -6.52 3.84 -20.02
N GLY B 262 -5.56 4.72 -20.26
CA GLY B 262 -5.24 5.92 -19.47
C GLY B 262 -4.96 7.10 -20.38
N ALA B 263 -5.05 8.29 -19.81
CA ALA B 263 -4.74 9.58 -20.43
C ALA B 263 -3.95 10.35 -19.36
N TRP B 264 -2.71 10.69 -19.68
CA TRP B 264 -1.74 11.31 -18.74
C TRP B 264 -0.75 12.16 -19.50
N ASN B 265 0.01 12.97 -18.77
CA ASN B 265 1.07 13.83 -19.35
C ASN B 265 2.40 13.09 -19.21
N TYR B 266 2.57 12.34 -18.11
CA TYR B 266 3.79 11.51 -17.97
C TYR B 266 3.38 10.04 -17.97
N MET B 267 4.18 9.20 -18.62
CA MET B 267 4.06 7.73 -18.52
C MET B 267 5.46 7.17 -18.43
N MET B 268 5.62 6.12 -17.63
CA MET B 268 6.93 5.51 -17.36
C MET B 268 7.55 5.02 -18.66
N SER B 269 6.74 4.66 -19.65
CA SER B 269 7.18 4.11 -20.95
C SER B 269 7.75 5.19 -21.89
N ILE B 270 7.60 6.47 -21.57
CA ILE B 270 8.24 7.55 -22.38
C ILE B 270 9.72 7.20 -22.56
N ASP B 271 10.16 7.19 -23.80
CA ASP B 271 11.55 6.73 -24.10
C ASP B 271 12.41 7.97 -24.33
N THR B 272 12.86 8.60 -23.25
CA THR B 272 13.78 9.74 -23.28
C THR B 272 14.74 9.57 -22.12
N PRO B 273 15.93 10.19 -22.22
CA PRO B 273 16.87 10.24 -21.10
C PRO B 273 16.22 10.75 -19.81
N ALA B 274 15.44 11.82 -19.90
CA ALA B 274 14.77 12.41 -18.72
C ALA B 274 13.83 11.37 -18.08
N SER B 275 13.02 10.69 -18.88
CA SER B 275 12.03 9.69 -18.37
C SER B 275 12.75 8.51 -17.75
N LYS B 276 13.80 8.03 -18.42
CA LYS B 276 14.57 6.84 -17.95
C LYS B 276 15.31 7.21 -16.67
N LYS B 277 15.85 8.43 -16.57
CA LYS B 277 16.59 8.86 -15.35
C LYS B 277 15.61 8.89 -14.17
N PHE B 278 14.45 9.51 -14.34
CA PHE B 278 13.44 9.57 -13.24
C PHE B 278 13.12 8.16 -12.72
N ALA B 279 12.77 7.24 -13.62
CA ALA B 279 12.46 5.83 -13.25
C ALA B 279 13.65 5.18 -12.55
N ALA B 280 14.85 5.29 -13.09
CA ALA B 280 16.05 4.59 -12.55
C ALA B 280 16.40 5.14 -11.17
N ASP B 281 16.34 6.47 -10.99
CA ASP B 281 16.62 7.13 -9.69
C ASP B 281 15.58 6.65 -8.63
N PHE B 282 14.32 6.54 -8.99
CA PHE B 282 13.26 6.14 -8.03
C PHE B 282 13.52 4.68 -7.60
N LYS B 283 13.90 3.82 -8.55
CA LYS B 283 14.20 2.40 -8.20
C LYS B 283 15.46 2.31 -7.36
N ALA B 284 16.48 3.15 -7.64
CA ALA B 284 17.74 3.18 -6.88
C ALA B 284 17.43 3.59 -5.44
N LYS B 285 16.45 4.47 -5.25
CA LYS B 285 16.17 5.01 -3.88
C LYS B 285 15.24 4.05 -3.11
N TYR B 286 14.25 3.43 -3.76
CA TYR B 286 13.13 2.76 -3.05
C TYR B 286 12.98 1.25 -3.37
N GLY B 287 13.67 0.74 -4.38
CA GLY B 287 13.68 -0.70 -4.74
C GLY B 287 13.35 -0.92 -6.20
N ASP B 288 13.84 -2.03 -6.72
CA ASP B 288 13.80 -2.37 -8.15
C ASP B 288 12.38 -2.65 -8.61
N ASP B 289 11.49 -3.00 -7.71
CA ASP B 289 10.05 -3.23 -8.04
C ASP B 289 9.30 -1.88 -8.26
N ARG B 290 9.85 -0.74 -7.84
CA ARG B 290 9.03 0.50 -7.70
C ARG B 290 8.84 1.15 -9.08
N VAL B 291 7.65 1.66 -9.35
CA VAL B 291 7.30 2.32 -10.64
C VAL B 291 7.18 3.83 -10.42
N VAL B 292 7.21 4.52 -11.53
CA VAL B 292 6.90 5.98 -11.59
C VAL B 292 5.71 6.12 -12.51
N ALA B 293 5.06 7.27 -12.40
CA ALA B 293 3.76 7.53 -13.00
C ALA B 293 3.46 9.04 -12.90
N ASP B 294 2.43 9.46 -13.59
CA ASP B 294 2.03 10.88 -13.73
C ASP B 294 1.83 11.55 -12.37
N PRO B 295 1.09 10.96 -11.40
CA PRO B 295 0.92 11.65 -10.10
C PRO B 295 2.28 11.98 -9.47
N GLN B 296 3.20 11.03 -9.54
CA GLN B 296 4.56 11.11 -8.99
C GLN B 296 5.36 12.15 -9.74
N GLU B 297 5.30 12.16 -11.08
CA GLU B 297 6.06 13.11 -11.92
C GLU B 297 5.51 14.52 -11.64
N SER B 298 4.20 14.65 -11.51
CA SER B 298 3.55 15.95 -11.14
C SER B 298 4.09 16.46 -9.81
N ALA B 299 4.22 15.58 -8.81
CA ALA B 299 4.63 15.93 -7.44
C ALA B 299 6.10 16.34 -7.46
N TYR B 300 6.93 15.53 -8.11
CA TYR B 300 8.38 15.78 -8.30
C TYR B 300 8.52 17.18 -8.84
N ASN B 301 7.74 17.49 -9.88
CA ASN B 301 7.91 18.79 -10.58
C ASN B 301 7.60 19.96 -9.64
N MET B 302 6.61 19.80 -8.75
CA MET B 302 6.23 20.88 -7.82
C MET B 302 7.47 21.34 -7.04
N VAL B 303 8.29 20.40 -6.57
CA VAL B 303 9.42 20.74 -5.66
C VAL B 303 10.48 21.52 -6.45
N TYR B 304 10.76 21.11 -7.69
CA TYR B 304 11.71 21.82 -8.57
C TYR B 304 11.18 23.20 -8.94
N LEU B 305 9.91 23.29 -9.29
CA LEU B 305 9.29 24.57 -9.70
C LEU B 305 9.30 25.54 -8.50
N TRP B 306 9.00 25.06 -7.30
CA TRP B 306 9.08 25.89 -6.05
C TRP B 306 10.52 26.39 -5.88
N LYS B 307 11.49 25.49 -5.97
CA LYS B 307 12.92 25.87 -5.82
C LYS B 307 13.33 26.94 -6.83
N LYS B 308 12.91 26.80 -8.07
CA LYS B 308 13.29 27.76 -9.13
C LYS B 308 12.64 29.12 -8.84
N ALA B 309 11.40 29.11 -8.34
CA ALA B 309 10.63 30.33 -8.03
C ALA B 309 11.28 31.06 -6.86
N VAL B 310 11.74 30.34 -5.83
CA VAL B 310 12.44 30.96 -4.66
C VAL B 310 13.69 31.68 -5.17
N GLU B 311 14.46 31.00 -6.03
CA GLU B 311 15.76 31.54 -6.50
C GLU B 311 15.51 32.74 -7.42
N LYS B 312 14.45 32.70 -8.21
CA LYS B 312 14.00 33.83 -9.07
C LYS B 312 13.51 35.00 -8.18
N ALA B 313 12.71 34.74 -7.14
CA ALA B 313 12.12 35.78 -6.25
C ALA B 313 13.21 36.38 -5.36
N GLY B 314 14.24 35.61 -5.06
CA GLY B 314 15.31 36.01 -4.12
C GLY B 314 14.83 36.00 -2.67
N THR B 315 13.81 35.22 -2.35
CA THR B 315 13.20 35.13 -1.00
C THR B 315 12.28 33.91 -0.92
N PHE B 316 12.05 33.41 0.29
CA PHE B 316 11.11 32.29 0.58
C PHE B 316 9.68 32.82 0.74
N ASP B 317 9.52 34.14 0.97
CA ASP B 317 8.17 34.74 1.21
C ASP B 317 7.23 34.18 0.14
N ASP B 318 6.21 33.43 0.51
CA ASP B 318 5.33 32.75 -0.47
C ASP B 318 4.62 33.78 -1.37
N ASP B 319 4.36 35.00 -0.88
CA ASP B 319 3.67 36.03 -1.71
C ASP B 319 4.52 36.26 -2.97
N LYS B 320 5.80 36.48 -2.79
CA LYS B 320 6.81 36.77 -3.84
C LYS B 320 7.17 35.52 -4.65
N VAL B 321 7.20 34.37 -4.00
CA VAL B 321 7.47 33.10 -4.73
C VAL B 321 6.28 32.82 -5.65
N ARG B 322 5.03 33.04 -5.19
CA ARG B 322 3.82 32.75 -6.03
C ARG B 322 3.85 33.73 -7.22
N GLU B 323 4.27 34.97 -7.03
CA GLU B 323 4.38 35.99 -8.12
C GLU B 323 5.45 35.52 -9.14
N ALA B 324 6.60 35.03 -8.67
CA ALA B 324 7.76 34.66 -9.51
C ALA B 324 7.48 33.35 -10.25
N LEU B 325 6.63 32.46 -9.72
CA LEU B 325 6.48 31.10 -10.28
C LEU B 325 5.87 31.17 -11.71
N ILE B 326 4.97 32.13 -11.95
CA ILE B 326 4.44 32.32 -13.33
C ILE B 326 5.61 32.54 -14.29
N GLY B 327 5.67 31.71 -15.33
CA GLY B 327 6.60 31.87 -16.45
C GLY B 327 7.75 30.92 -16.31
N ILE B 328 7.87 30.24 -15.16
CA ILE B 328 9.02 29.32 -14.93
C ILE B 328 8.91 28.08 -15.83
N LYS B 329 10.05 27.67 -16.40
CA LYS B 329 10.19 26.46 -17.23
C LYS B 329 11.06 25.45 -16.55
N PHE B 330 10.70 24.19 -16.73
CA PHE B 330 11.47 23.06 -16.18
C PHE B 330 11.57 21.93 -17.23
N ASP B 331 12.77 21.36 -17.39
CA ASP B 331 13.00 20.11 -18.16
C ASP B 331 12.55 18.95 -17.26
N ALA B 332 11.26 18.60 -17.33
CA ALA B 332 10.64 17.56 -16.49
C ALA B 332 10.83 16.19 -17.12
N PRO B 333 10.56 15.11 -16.37
CA PRO B 333 10.62 13.77 -16.95
C PRO B 333 9.66 13.62 -18.14
N GLN B 334 8.55 14.34 -18.15
CA GLN B 334 7.56 14.23 -19.25
C GLN B 334 7.96 15.03 -20.51
N GLY B 335 8.95 15.89 -20.41
CA GLY B 335 9.31 16.89 -21.43
C GLY B 335 9.20 18.28 -20.82
N PRO B 336 9.24 19.34 -21.64
CA PRO B 336 9.30 20.70 -21.11
C PRO B 336 7.92 21.14 -20.59
N ILE B 337 7.90 21.75 -19.41
CA ILE B 337 6.67 22.32 -18.82
C ILE B 337 6.92 23.79 -18.55
N GLU B 338 5.87 24.58 -18.51
CA GLU B 338 5.95 26.01 -18.20
C GLU B 338 4.76 26.39 -17.34
N VAL B 339 5.04 27.08 -16.26
CA VAL B 339 3.95 27.59 -15.38
C VAL B 339 3.27 28.76 -16.09
N ARG B 340 1.97 28.65 -16.26
CA ARG B 340 1.19 29.67 -17.02
C ARG B 340 0.58 30.69 -16.05
N PRO B 341 0.09 31.81 -16.60
CA PRO B 341 -0.59 32.81 -15.80
C PRO B 341 -1.77 32.29 -14.96
N ASN B 342 -2.40 31.18 -15.34
CA ASN B 342 -3.48 30.55 -14.55
C ASN B 342 -2.95 29.59 -13.46
N HIS B 343 -1.65 29.57 -13.20
CA HIS B 343 -0.98 28.81 -12.12
C HIS B 343 -0.87 27.29 -12.46
N HIS B 344 -1.36 26.86 -13.62
CA HIS B 344 -1.24 25.48 -14.13
C HIS B 344 -0.02 25.39 -15.04
N ILE B 345 0.27 24.20 -15.59
CA ILE B 345 1.44 23.99 -16.49
C ILE B 345 1.01 23.49 -17.86
N SER B 346 1.71 23.97 -18.89
CA SER B 346 1.66 23.41 -20.25
C SER B 346 2.34 22.03 -20.20
N GLN B 347 1.71 21.04 -20.80
CA GLN B 347 2.10 19.62 -20.78
C GLN B 347 1.71 18.94 -22.10
N ILE B 348 2.57 18.05 -22.57
CA ILE B 348 2.27 17.12 -23.68
C ILE B 348 1.17 16.19 -23.17
N VAL B 349 0.28 15.74 -24.06
CA VAL B 349 -0.77 14.75 -23.69
C VAL B 349 -0.44 13.38 -24.31
N ARG B 350 -0.58 12.30 -23.52
CA ARG B 350 -0.42 10.90 -24.00
C ARG B 350 -1.69 10.12 -23.67
N ILE B 351 -2.12 9.31 -24.63
CA ILE B 351 -3.14 8.24 -24.49
C ILE B 351 -2.37 6.93 -24.50
N GLY B 352 -2.63 6.09 -23.49
CA GLY B 352 -1.94 4.81 -23.29
C GLY B 352 -2.90 3.65 -23.19
N GLU B 353 -2.49 2.53 -23.79
CA GLU B 353 -3.12 1.20 -23.71
C GLU B 353 -2.30 0.37 -22.71
N ILE B 354 -2.92 -0.15 -21.66
CA ILE B 354 -2.17 -0.87 -20.58
C ILE B 354 -1.73 -2.24 -21.13
N THR B 355 -0.45 -2.55 -20.99
CA THR B 355 0.14 -3.84 -21.49
C THR B 355 0.11 -4.88 -20.36
N SER B 356 0.52 -6.12 -20.67
CA SER B 356 0.50 -7.27 -19.71
C SER B 356 1.39 -6.97 -18.51
N ASP B 357 2.41 -6.11 -18.64
CA ASP B 357 3.33 -5.74 -17.53
C ASP B 357 2.81 -4.57 -16.68
N GLY B 358 1.65 -3.99 -17.00
CA GLY B 358 1.08 -2.83 -16.29
C GLY B 358 1.73 -1.50 -16.67
N GLN B 359 2.50 -1.48 -17.75
CA GLN B 359 3.02 -0.23 -18.38
C GLN B 359 2.02 0.27 -19.42
N PHE B 360 2.14 1.51 -19.82
CA PHE B 360 1.37 2.10 -20.95
C PHE B 360 2.13 1.93 -22.26
N LYS B 361 1.42 1.46 -23.28
CA LYS B 361 1.87 1.63 -24.70
C LYS B 361 1.26 2.93 -25.20
N ILE B 362 2.10 3.87 -25.56
CA ILE B 362 1.58 5.21 -25.94
C ILE B 362 1.00 5.03 -27.33
N VAL B 363 -0.30 5.25 -27.51
CA VAL B 363 -1.03 5.05 -28.80
C VAL B 363 -1.41 6.42 -29.40
N GLU B 364 -1.33 7.51 -28.65
CA GLU B 364 -1.47 8.89 -29.23
C GLU B 364 -0.66 9.85 -28.35
N GLU B 365 -0.05 10.84 -28.94
CA GLU B 365 0.74 11.86 -28.24
C GLU B 365 0.50 13.20 -28.96
N SER B 366 0.36 14.28 -28.21
CA SER B 366 0.16 15.64 -28.78
C SER B 366 1.46 16.09 -29.44
N ASP B 367 1.39 16.82 -30.56
CA ASP B 367 2.59 17.32 -31.27
C ASP B 367 3.29 18.40 -30.43
N TYR B 368 2.52 19.16 -29.66
CA TYR B 368 3.05 20.25 -28.82
C TYR B 368 2.54 20.08 -27.39
N PRO B 369 3.18 20.74 -26.41
CA PRO B 369 2.58 20.90 -25.10
C PRO B 369 1.23 21.63 -25.21
N ILE B 370 0.21 21.09 -24.57
CA ILE B 370 -1.15 21.69 -24.46
C ILE B 370 -1.17 22.74 -23.34
N ASP B 371 -1.60 23.96 -23.67
CA ASP B 371 -1.87 25.04 -22.66
C ASP B 371 -3.09 24.63 -21.86
N PRO B 372 -3.01 24.68 -20.53
CA PRO B 372 -4.12 24.26 -19.69
C PRO B 372 -5.25 25.28 -19.70
N GLN B 373 -6.49 24.80 -19.84
CA GLN B 373 -7.76 25.55 -19.60
C GLN B 373 -8.34 25.12 -18.25
N THR B 374 -8.26 25.94 -17.22
CA THR B 374 -8.89 25.53 -15.94
C THR B 374 -10.39 25.74 -16.11
N TRP B 375 -10.80 26.91 -16.53
CA TRP B 375 -12.22 27.18 -16.86
C TRP B 375 -12.57 26.38 -18.13
N ASN B 376 -13.51 25.46 -17.99
CA ASN B 376 -13.76 24.43 -19.01
C ASN B 376 -14.54 25.04 -20.19
N GLN B 377 -14.15 24.70 -21.41
CA GLN B 377 -14.71 25.31 -22.64
C GLN B 377 -15.83 24.43 -23.23
N PHE B 378 -16.13 23.27 -22.65
CA PHE B 378 -17.35 22.49 -23.01
C PHE B 378 -18.47 22.79 -22.01
N GLU B 379 -18.18 22.97 -20.72
CA GLU B 379 -19.22 23.20 -19.68
C GLU B 379 -19.80 24.59 -19.90
N PRO B 380 -21.13 24.75 -20.15
CA PRO B 380 -21.74 26.04 -20.48
C PRO B 380 -21.54 27.15 -19.44
N THR B 381 -21.46 26.83 -18.15
CA THR B 381 -21.27 27.87 -17.09
C THR B 381 -19.84 28.40 -17.08
N SER B 382 -18.85 27.69 -17.66
CA SER B 382 -17.45 28.18 -17.65
C SER B 382 -17.00 28.61 -19.04
N LYS B 383 -17.72 28.22 -20.09
CA LYS B 383 -17.29 28.52 -21.48
C LYS B 383 -17.15 30.03 -21.63
N GLY B 384 -16.07 30.50 -22.26
CA GLY B 384 -15.86 31.97 -22.48
C GLY B 384 -15.18 32.66 -21.29
N PHE B 385 -14.89 31.94 -20.20
CA PHE B 385 -14.05 32.43 -19.08
C PHE B 385 -12.61 31.88 -19.16
N ALA B 386 -11.70 32.58 -18.50
CA ALA B 386 -10.30 32.18 -18.32
C ALA B 386 -9.77 32.83 -17.05
N CYS B 387 -8.55 32.44 -16.72
CA CYS B 387 -7.84 32.90 -15.51
C CYS B 387 -6.50 33.45 -15.95
N ASP B 388 -6.08 34.58 -15.37
CA ASP B 388 -4.74 35.14 -15.61
C ASP B 388 -4.37 35.92 -14.37
N TRP B 389 -3.44 35.41 -13.60
CA TRP B 389 -2.97 36.13 -12.37
C TRP B 389 -1.80 37.08 -12.67
N SER B 390 -1.29 37.11 -13.89
CA SER B 390 -0.13 37.96 -14.26
C SER B 390 -0.63 39.38 -14.61
N ASP B 391 -1.90 39.54 -14.97
CA ASP B 391 -2.46 40.82 -15.46
C ASP B 391 -3.51 41.28 -14.46
N PRO B 392 -3.34 42.46 -13.81
CA PRO B 392 -4.28 42.94 -12.79
C PRO B 392 -5.73 43.11 -13.27
N SER B 393 -5.94 43.35 -14.57
CA SER B 393 -7.30 43.62 -15.13
C SER B 393 -8.10 42.31 -15.28
N LYS B 394 -7.46 41.15 -15.07
CA LYS B 394 -8.05 39.84 -15.44
C LYS B 394 -8.26 39.02 -14.18
N GLY B 395 -7.24 38.28 -13.72
CA GLY B 395 -7.36 37.57 -12.44
C GLY B 395 -8.12 36.25 -12.55
N GLU B 396 -8.92 35.93 -11.52
CA GLU B 396 -9.30 34.54 -11.16
C GLU B 396 -10.27 34.00 -12.22
N LYS B 397 -11.17 34.84 -12.70
CA LYS B 397 -12.22 34.39 -13.65
C LYS B 397 -12.80 35.60 -14.39
N TYR B 398 -12.36 35.83 -15.61
CA TYR B 398 -12.73 37.02 -16.41
C TYR B 398 -13.27 36.52 -17.75
N LYS B 399 -14.14 37.31 -18.39
CA LYS B 399 -14.69 36.99 -19.74
C LYS B 399 -13.63 37.27 -20.80
N LEU B 400 -13.33 36.30 -21.65
CA LEU B 400 -12.38 36.41 -22.79
C LEU B 400 -12.88 37.45 -23.81
#